data_8P0A
#
_entry.id   8P0A
#
_cell.length_a   1.00
_cell.length_b   1.00
_cell.length_c   1.00
_cell.angle_alpha   90.00
_cell.angle_beta   90.00
_cell.angle_gamma   90.00
#
_symmetry.space_group_name_H-M   'P 1'
#
loop_
_entity.id
_entity.type
_entity.pdbx_description
1 polymer 'Structural maintenance of chromosomes protein 1A'
2 polymer 'Structural maintenance of chromosomes protein 3'
3 polymer '64-kDa C-terminal product'
4 non-polymer "ADENOSINE-5'-TRIPHOSPHATE"
5 non-polymer 'MAGNESIUM ION'
#
loop_
_entity_poly.entity_id
_entity_poly.type
_entity_poly.pdbx_seq_one_letter_code
_entity_poly.pdbx_strand_id
1 'polypeptide(L)'
;MGFLKLIEIENFKSYKGRQIIGPFQRFTAIIGPNGSGKSNLMDAISFVLGEKTSNLRVKTLRDLIHGAPVGKPAANRAFV
SMVYSEEGAEDRTFARVIVGGSSEYKINNKVVQLHEYSEELEKLGILIKARNFLVFQGAVESIAMKNPKERTALFEEISR
SGELAQEYDKRKKEMVKAEEDTQFNYHRKKNIAAERKEAKESSKHPTSLVPRGSDAQAEEEIKQEMNTLQQKLNEQQSVL
QRIAAPNMKAMEKLESVRDKFQETSDEFEAARKRAKKAKQAFEQIKKERFDRFNACFESVATNIDEIYKALSRNSSAQAF
LGPENPEEPYLDGINYNCVAPGKRFRPMDNLSGGEKTVAALALLFAIHSYKPAPFFVLDQIDAALDNTNIGKVANYIKEQ
STCNFQAIVISLKEEFYTKAESLIGVYPEQGDCVISKVLTFDLTKYPDANPNPNEQ
;
A
2 'polypeptide(L)'
;MYIKQVIIQGFRSYRDQTIVDPFSSKHNVIVGRNGSGKSNFFYAIQFVLSDEFSHLRPEQRLALLHEGTGPRVISAFVEI
IFDNSDNRLPIDKEEVSLRRVIGAKKDQYFLDKKMVTKNDVMNLLESAGFSRSNPYYIVKQGKINQMATAPDSQRLKLLR
EVAGTRVYDERKEESISLMKETEGKREKINELLKYIEERLHTLEEEKEELAGSGSLVPRGSGSYSHVNKKALDQFVNFSE
QKEKLIKRQEELDRGYKSIMELMNVLELRKYEAIQLTFKQVSKNFSEVFQKLVPGGKATLVMKKGDVEGSQSQDEGEGSG
ESERGSGSQSSVPSVDQFTGVGIRVSFTGKQGEMREMQQLSGGQKSLVALALIFAIQKCDPAPFYLFDQIDQALDAQHRK
AVSDMIMELAVHAQFITTTFRPELLESADKFYGVKFRNKVSHIDVITAEMAKDFVEDDTTHG
;
B
3 'polypeptide(L)'
;MKRTQQMLHGLQRALAKTGAESISLLELCRNTNRKQAAAKFYSFLVLKKQQAIELTQEEPYSDIIATPGPRFHGSLEVLF
Q
;
C
#
loop_
_chem_comp.id
_chem_comp.type
_chem_comp.name
_chem_comp.formula
ATP non-polymer ADENOSINE-5'-TRIPHOSPHATE 'C10 H16 N5 O13 P3'
MG non-polymer 'MAGNESIUM ION' 'Mg 2'
#
# COMPACT_ATOMS: atom_id res chain seq x y z
N GLY A 2 -7.47 -17.36 20.96
CA GLY A 2 -6.93 -16.15 21.53
C GLY A 2 -7.33 -14.89 20.78
N PHE A 3 -7.68 -13.84 21.52
CA PHE A 3 -8.07 -12.58 20.91
C PHE A 3 -7.84 -11.47 21.92
N LEU A 4 -7.39 -10.32 21.43
CA LEU A 4 -7.18 -9.17 22.29
C LEU A 4 -8.51 -8.66 22.83
N LYS A 5 -8.49 -8.13 24.06
CA LYS A 5 -9.68 -7.53 24.64
C LYS A 5 -9.58 -6.01 24.68
N LEU A 6 -8.52 -5.46 25.29
CA LEU A 6 -8.37 -4.01 25.32
C LEU A 6 -6.90 -3.64 25.42
N ILE A 7 -6.63 -2.43 24.94
CA ILE A 7 -5.30 -1.82 24.94
C ILE A 7 -5.42 -0.42 25.52
N GLU A 8 -4.55 -0.12 26.49
CA GLU A 8 -4.48 1.20 27.10
C GLU A 8 -3.25 1.92 26.57
N ILE A 9 -3.45 3.11 26.01
CA ILE A 9 -2.37 3.92 25.46
C ILE A 9 -2.36 5.26 26.17
N GLU A 10 -1.19 5.67 26.66
CA GLU A 10 -1.02 6.96 27.30
C GLU A 10 0.23 7.64 26.76
N ASN A 11 0.04 8.80 26.14
CA ASN A 11 1.13 9.69 25.71
C ASN A 11 2.04 9.04 24.66
N PHE A 12 1.54 8.06 23.93
CA PHE A 12 2.28 7.45 22.83
C PHE A 12 2.19 8.36 21.60
N LYS A 13 2.63 7.86 20.45
CA LYS A 13 2.63 8.65 19.22
C LYS A 13 1.24 9.15 18.89
N SER A 14 1.09 10.46 18.82
CA SER A 14 -0.15 11.13 18.42
C SER A 14 -1.34 10.76 19.30
N TYR A 15 -1.10 10.25 20.51
CA TYR A 15 -2.16 9.85 21.42
C TYR A 15 -1.99 10.57 22.74
N LYS A 16 -3.08 11.16 23.23
CA LYS A 16 -3.08 11.87 24.50
C LYS A 16 -4.36 11.55 25.26
N GLY A 17 -4.22 11.34 26.56
CA GLY A 17 -5.35 11.10 27.43
C GLY A 17 -5.37 9.69 27.98
N ARG A 18 -6.31 9.48 28.91
CA ARG A 18 -6.51 8.19 29.55
C ARG A 18 -7.43 7.28 28.74
N GLN A 19 -7.57 7.53 27.45
CA GLN A 19 -8.46 6.73 26.62
C GLN A 19 -7.95 5.30 26.51
N ILE A 20 -8.89 4.37 26.33
CA ILE A 20 -8.59 2.95 26.21
C ILE A 20 -9.28 2.42 24.96
N ILE A 21 -8.53 1.62 24.18
CA ILE A 21 -9.09 1.03 22.98
C ILE A 21 -10.26 0.11 23.36
N GLY A 22 -11.27 0.07 22.50
CA GLY A 22 -12.44 -0.72 22.75
C GLY A 22 -12.20 -2.21 22.55
N PRO A 23 -13.23 -3.00 22.85
CA PRO A 23 -13.09 -4.45 22.75
C PRO A 23 -12.88 -4.91 21.31
N PHE A 24 -12.15 -6.00 21.16
CA PHE A 24 -11.89 -6.63 19.87
C PHE A 24 -12.75 -7.87 19.74
N GLN A 25 -13.20 -8.13 18.51
CA GLN A 25 -14.01 -9.31 18.20
C GLN A 25 -13.28 -10.18 17.18
N ARG A 26 -13.97 -11.20 16.70
CA ARG A 26 -13.34 -12.17 15.81
C ARG A 26 -12.87 -11.53 14.50
N PHE A 27 -13.60 -10.52 14.01
CA PHE A 27 -13.19 -9.82 12.80
C PHE A 27 -13.66 -8.36 12.94
N THR A 28 -12.76 -7.51 13.44
CA THR A 28 -13.05 -6.12 13.72
C THR A 28 -12.20 -5.24 12.80
N ALA A 29 -12.84 -4.28 12.14
CA ALA A 29 -12.16 -3.37 11.23
C ALA A 29 -11.97 -2.01 11.89
N ILE A 30 -10.92 -1.31 11.46
CA ILE A 30 -10.64 0.05 11.90
C ILE A 30 -10.56 0.95 10.68
N ILE A 31 -11.31 2.05 10.72
CA ILE A 31 -11.43 2.98 9.61
C ILE A 31 -11.37 4.40 10.13
N GLY A 32 -11.15 5.35 9.21
CA GLY A 32 -11.03 6.74 9.56
C GLY A 32 -10.36 7.57 8.48
N PRO A 33 -10.22 8.86 8.73
CA PRO A 33 -9.64 9.77 7.73
C PRO A 33 -8.11 9.71 7.78
N ASN A 34 -7.49 10.43 6.85
CA ASN A 34 -6.04 10.49 6.80
C ASN A 34 -5.51 11.37 7.92
N GLY A 35 -4.26 11.11 8.31
CA GLY A 35 -3.65 11.85 9.38
C GLY A 35 -4.33 11.70 10.72
N SER A 36 -5.14 10.65 10.87
CA SER A 36 -5.91 10.42 12.09
C SER A 36 -5.25 9.42 13.03
N GLY A 37 -4.02 9.02 12.75
CA GLY A 37 -3.37 8.01 13.56
C GLY A 37 -4.04 6.66 13.48
N LYS A 38 -4.43 6.24 12.28
CA LYS A 38 -5.06 4.94 12.12
C LYS A 38 -4.05 3.81 12.27
N SER A 39 -2.89 3.95 11.63
CA SER A 39 -1.81 2.99 11.83
C SER A 39 -1.20 3.09 13.21
N ASN A 40 -1.48 4.16 13.96
CA ASN A 40 -0.93 4.30 15.30
C ASN A 40 -1.46 3.22 16.23
N LEU A 41 -2.69 2.76 16.03
CA LEU A 41 -3.15 1.58 16.75
C LEU A 41 -2.34 0.36 16.37
N MET A 42 -2.12 0.16 15.07
CA MET A 42 -1.24 -0.90 14.62
C MET A 42 0.19 -0.67 15.10
N ASP A 43 0.61 0.60 15.18
CA ASP A 43 1.92 0.92 15.70
C ASP A 43 2.06 0.48 17.15
N ALA A 44 1.04 0.72 17.97
CA ALA A 44 1.09 0.28 19.36
C ALA A 44 1.05 -1.24 19.46
N ILE A 45 0.21 -1.88 18.66
CA ILE A 45 0.11 -3.34 18.68
C ILE A 45 1.44 -3.97 18.32
N SER A 46 2.18 -3.34 17.39
CA SER A 46 3.51 -3.82 17.05
C SER A 46 4.56 -3.38 18.05
N PHE A 47 4.33 -2.28 18.76
CA PHE A 47 5.31 -1.77 19.72
C PHE A 47 5.36 -2.62 20.96
N VAL A 48 4.20 -3.06 21.46
CA VAL A 48 4.18 -3.93 22.64
C VAL A 48 4.86 -5.27 22.38
N LEU A 49 5.23 -5.54 21.13
CA LEU A 49 5.97 -6.74 20.77
C LEU A 49 7.48 -6.51 20.71
N GLY A 50 7.94 -5.30 21.01
CA GLY A 50 9.36 -5.03 21.08
C GLY A 50 10.07 -5.05 19.73
N GLU A 51 9.78 -4.07 18.88
CA GLU A 51 10.41 -3.99 17.57
C GLU A 51 11.78 -3.37 17.67
N LYS A 52 12.36 -3.03 16.53
CA LYS A 52 13.61 -2.31 16.43
C LYS A 52 13.42 -0.80 16.38
N THR A 53 12.17 -0.33 16.51
CA THR A 53 11.85 1.08 16.76
C THR A 53 12.51 2.01 15.73
N SER A 54 12.49 1.59 14.47
CA SER A 54 12.90 2.47 13.39
C SER A 54 12.06 2.33 12.13
N ASN A 55 10.99 1.52 12.17
CA ASN A 55 10.06 1.42 11.05
C ASN A 55 8.70 2.00 11.39
N LEU A 56 8.60 2.78 12.48
CA LEU A 56 7.39 3.48 12.85
C LEU A 56 7.47 4.98 12.51
N ARG A 57 8.28 5.34 11.52
CA ARG A 57 8.53 6.73 11.14
C ARG A 57 9.05 7.53 12.35
N VAL A 58 9.96 6.91 13.09
CA VAL A 58 10.55 7.51 14.28
C VAL A 58 12.06 7.27 14.26
N LYS A 59 12.77 8.02 15.10
CA LYS A 59 14.21 7.90 15.21
C LYS A 59 14.62 7.83 16.68
N THR A 60 15.60 6.95 16.95
CA THR A 60 16.23 6.73 18.26
C THR A 60 15.24 6.70 19.42
N LEU A 61 14.01 6.24 19.16
CA LEU A 61 12.99 5.92 20.16
C LEU A 61 12.73 7.05 21.16
N ARG A 62 13.18 8.26 20.84
CA ARG A 62 12.99 9.40 21.73
C ARG A 62 11.81 10.28 21.34
N ASP A 63 11.33 10.18 20.10
CA ASP A 63 10.25 11.02 19.62
C ASP A 63 8.91 10.29 19.58
N LEU A 64 8.82 9.10 20.18
CA LEU A 64 7.55 8.39 20.26
C LEU A 64 6.56 9.08 21.18
N ILE A 65 7.02 10.01 22.01
CA ILE A 65 6.14 10.71 22.93
C ILE A 65 5.17 11.58 22.13
N HIS A 66 3.95 11.73 22.66
CA HIS A 66 2.89 12.48 21.98
C HIS A 66 3.34 13.89 21.63
N GLY A 67 3.41 14.19 20.33
CA GLY A 67 3.83 15.50 19.88
C GLY A 67 5.26 15.84 20.20
N ALA A 68 6.12 14.83 20.30
CA ALA A 68 7.54 15.10 20.56
C ALA A 68 8.23 15.87 19.44
N PRO A 69 8.10 15.49 18.12
CA PRO A 69 8.85 16.16 17.06
C PRO A 69 8.23 17.47 16.59
N VAL A 70 7.81 18.31 17.54
CA VAL A 70 7.35 19.66 17.25
C VAL A 70 8.05 20.70 18.09
N GLY A 71 8.99 20.31 18.95
CA GLY A 71 9.69 21.23 19.81
C GLY A 71 9.09 21.41 21.19
N LYS A 72 7.86 20.97 21.40
CA LYS A 72 7.19 21.05 22.71
C LYS A 72 6.56 19.70 23.04
N PRO A 73 7.36 18.73 23.47
CA PRO A 73 6.80 17.44 23.87
C PRO A 73 5.83 17.62 25.04
N ALA A 74 4.75 16.82 25.03
CA ALA A 74 3.73 16.95 26.06
C ALA A 74 4.27 16.56 27.43
N ALA A 75 4.97 15.44 27.51
CA ALA A 75 5.51 14.95 28.78
C ALA A 75 6.65 14.00 28.45
N ASN A 76 7.05 13.18 29.44
CA ASN A 76 8.08 12.18 29.24
C ASN A 76 7.57 10.78 29.59
N ARG A 77 6.47 10.67 30.33
CA ARG A 77 5.95 9.38 30.75
C ARG A 77 4.89 8.92 29.75
N ALA A 78 5.09 7.73 29.17
CA ALA A 78 4.18 7.20 28.17
C ALA A 78 4.25 5.68 28.20
N PHE A 79 3.13 5.04 27.91
CA PHE A 79 3.12 3.58 27.91
C PHE A 79 2.02 3.06 26.99
N VAL A 80 2.20 1.82 26.56
CA VAL A 80 1.21 1.10 25.76
C VAL A 80 1.09 -0.31 26.33
N SER A 81 -0.14 -0.73 26.63
CA SER A 81 -0.39 -2.02 27.25
C SER A 81 -1.54 -2.72 26.54
N MET A 82 -1.40 -4.03 26.38
CA MET A 82 -2.42 -4.87 25.79
C MET A 82 -2.82 -5.96 26.76
N VAL A 83 -4.03 -6.51 26.59
CA VAL A 83 -4.38 -7.72 27.30
C VAL A 83 -4.65 -8.82 26.29
N TYR A 84 -4.51 -10.06 26.75
CA TYR A 84 -4.67 -11.24 25.92
C TYR A 84 -5.31 -12.35 26.74
N SER A 85 -6.13 -13.17 26.08
CA SER A 85 -6.81 -14.27 26.76
C SER A 85 -7.21 -15.32 25.75
N GLU A 86 -7.59 -16.49 26.26
CA GLU A 86 -8.02 -17.61 25.43
C GLU A 86 -9.24 -18.24 26.10
N GLU A 87 -9.58 -19.46 25.68
CA GLU A 87 -10.66 -20.21 26.29
C GLU A 87 -10.23 -20.66 27.68
N GLY A 88 -10.69 -19.93 28.70
CA GLY A 88 -10.27 -20.19 30.06
C GLY A 88 -10.13 -18.92 30.87
N ALA A 89 -10.28 -17.78 30.20
CA ALA A 89 -10.25 -16.46 30.84
C ALA A 89 -8.94 -16.21 31.57
N GLU A 90 -7.84 -16.62 30.97
CA GLU A 90 -6.50 -16.29 31.48
C GLU A 90 -6.12 -14.93 30.94
N ASP A 91 -6.57 -13.88 31.65
CA ASP A 91 -6.39 -12.50 31.19
C ASP A 91 -4.96 -12.05 31.49
N ARG A 92 -4.04 -12.52 30.65
CA ARG A 92 -2.67 -12.04 30.73
C ARG A 92 -2.57 -10.62 30.21
N THR A 93 -1.56 -9.89 30.68
CA THR A 93 -1.37 -8.50 30.32
C THR A 93 0.08 -8.24 29.96
N PHE A 94 0.31 -7.60 28.82
CA PHE A 94 1.63 -7.15 28.41
C PHE A 94 1.65 -5.64 28.37
N ALA A 95 2.83 -5.05 28.59
CA ALA A 95 2.92 -3.61 28.61
C ALA A 95 4.35 -3.17 28.33
N ARG A 96 4.49 -1.98 27.77
CA ARG A 96 5.78 -1.35 27.57
C ARG A 96 5.70 0.11 28.00
N VAL A 97 6.75 0.58 28.66
CA VAL A 97 6.84 1.96 29.13
C VAL A 97 8.11 2.57 28.57
N ILE A 98 8.04 3.83 28.16
CA ILE A 98 9.20 4.56 27.66
C ILE A 98 9.53 5.68 28.63
N VAL A 99 10.78 5.76 29.05
CA VAL A 99 11.22 6.79 29.98
C VAL A 99 12.67 7.12 29.68
N GLY A 100 13.02 8.39 29.84
CA GLY A 100 14.37 8.83 29.53
C GLY A 100 14.70 8.53 28.08
N GLY A 101 15.79 7.80 27.88
CA GLY A 101 16.16 7.36 26.55
C GLY A 101 16.03 5.86 26.36
N SER A 102 15.20 5.21 27.18
CA SER A 102 15.08 3.76 27.11
C SER A 102 13.65 3.36 27.45
N SER A 103 13.44 2.07 27.65
CA SER A 103 12.12 1.52 27.88
C SER A 103 12.21 0.33 28.82
N GLU A 104 11.09 0.05 29.48
CA GLU A 104 10.96 -1.11 30.36
C GLU A 104 9.74 -1.91 29.96
N TYR A 105 9.74 -3.19 30.35
CA TYR A 105 8.74 -4.15 29.94
C TYR A 105 7.98 -4.65 31.16
N LYS A 106 6.67 -4.81 31.01
CA LYS A 106 5.81 -5.24 32.12
C LYS A 106 4.95 -6.41 31.68
N ILE A 107 4.80 -7.39 32.57
CA ILE A 107 3.85 -8.48 32.39
C ILE A 107 3.02 -8.58 33.66
N ASN A 108 1.71 -8.36 33.52
CA ASN A 108 0.79 -8.32 34.67
C ASN A 108 1.28 -7.33 35.73
N ASN A 109 1.72 -6.16 35.26
CA ASN A 109 2.20 -5.07 36.12
C ASN A 109 3.38 -5.53 36.98
N LYS A 110 4.45 -5.92 36.30
CA LYS A 110 5.68 -6.33 36.96
C LYS A 110 6.83 -6.15 35.99
N VAL A 111 7.90 -5.48 36.44
CA VAL A 111 9.04 -5.21 35.56
C VAL A 111 9.66 -6.53 35.15
N VAL A 112 9.75 -6.76 33.85
CA VAL A 112 10.23 -8.02 33.29
C VAL A 112 11.28 -7.72 32.24
N GLN A 113 12.38 -8.47 32.28
CA GLN A 113 13.45 -8.29 31.31
C GLN A 113 13.00 -8.74 29.92
N LEU A 114 13.71 -8.27 28.90
CA LEU A 114 13.35 -8.59 27.52
C LEU A 114 13.46 -10.08 27.24
N HIS A 115 14.39 -10.77 27.91
CA HIS A 115 14.52 -12.21 27.71
C HIS A 115 13.25 -12.94 28.13
N GLU A 116 12.79 -12.68 29.36
CA GLU A 116 11.56 -13.29 29.84
C GLU A 116 10.34 -12.79 29.08
N TYR A 117 10.38 -11.53 28.63
CA TYR A 117 9.29 -10.99 27.81
C TYR A 117 9.12 -11.79 26.53
N SER A 118 10.22 -11.98 25.80
CA SER A 118 10.17 -12.76 24.56
C SER A 118 9.83 -14.21 24.85
N GLU A 119 10.34 -14.76 25.96
CA GLU A 119 10.00 -16.14 26.32
C GLU A 119 8.51 -16.31 26.54
N GLU A 120 7.89 -15.36 27.24
CA GLU A 120 6.44 -15.42 27.47
C GLU A 120 5.68 -15.21 26.16
N LEU A 121 6.18 -14.32 25.30
CA LEU A 121 5.50 -14.08 24.02
C LEU A 121 5.50 -15.34 23.16
N GLU A 122 6.66 -15.97 22.98
CA GLU A 122 6.73 -17.13 22.11
C GLU A 122 5.94 -18.31 22.64
N LYS A 123 5.55 -18.29 23.91
CA LYS A 123 4.76 -19.40 24.47
C LYS A 123 3.36 -19.46 23.86
N LEU A 124 2.87 -18.37 23.29
CA LEU A 124 1.55 -18.34 22.67
C LEU A 124 1.60 -18.64 21.17
N GLY A 125 2.77 -18.96 20.62
CA GLY A 125 2.93 -19.12 19.20
C GLY A 125 3.23 -17.84 18.46
N ILE A 126 3.16 -16.69 19.13
CA ILE A 126 3.50 -15.41 18.55
C ILE A 126 4.99 -15.15 18.78
N LEU A 127 5.71 -14.90 17.70
CA LEU A 127 7.15 -14.74 17.77
C LEU A 127 7.52 -13.26 17.83
N ILE A 128 8.79 -13.00 18.15
CA ILE A 128 9.25 -11.63 18.34
C ILE A 128 9.67 -11.01 17.02
N LYS A 129 10.38 -11.75 16.18
CA LYS A 129 10.89 -11.24 14.91
C LYS A 129 10.39 -12.03 13.71
N ALA A 130 9.28 -12.74 13.84
CA ALA A 130 8.73 -13.48 12.71
C ALA A 130 8.31 -12.54 11.59
N ARG A 131 7.80 -11.36 11.96
CA ARG A 131 7.33 -10.35 11.00
C ARG A 131 6.15 -10.88 10.18
N ASN A 132 5.56 -11.98 10.63
CA ASN A 132 4.67 -12.78 9.79
C ASN A 132 3.18 -12.47 9.96
N PHE A 133 2.82 -11.53 10.81
CA PHE A 133 1.42 -11.12 10.91
C PHE A 133 1.25 -9.62 10.97
N LEU A 134 2.32 -8.85 11.09
CA LEU A 134 2.26 -7.40 11.11
C LEU A 134 2.63 -6.88 9.72
N VAL A 135 1.68 -6.23 9.06
CA VAL A 135 1.87 -5.68 7.73
C VAL A 135 1.54 -4.20 7.78
N PHE A 136 2.38 -3.39 7.13
CA PHE A 136 2.25 -1.94 7.14
C PHE A 136 1.56 -1.47 5.86
N GLN A 137 1.56 -0.16 5.63
N GLN A 137 1.54 -0.15 5.64
CA GLN A 137 0.89 0.40 4.45
CA GLN A 137 0.90 0.40 4.45
C GLN A 137 1.52 -0.11 3.17
C GLN A 137 1.53 -0.15 3.17
N GLY A 138 2.85 -0.07 3.08
CA GLY A 138 3.54 -0.52 1.89
C GLY A 138 3.98 -1.97 1.91
N ALA A 139 3.81 -2.65 3.04
CA ALA A 139 4.26 -4.03 3.15
C ALA A 139 3.34 -5.01 2.44
N VAL A 140 2.09 -4.62 2.19
CA VAL A 140 1.13 -5.56 1.61
C VAL A 140 1.58 -6.00 0.21
N GLU A 141 1.98 -5.05 -0.62
CA GLU A 141 2.58 -5.39 -1.90
C GLU A 141 4.02 -5.86 -1.75
N SER A 142 4.65 -5.63 -0.60
CA SER A 142 6.00 -6.11 -0.36
C SER A 142 6.02 -7.52 0.23
N ILE A 143 5.01 -7.87 1.04
CA ILE A 143 4.95 -9.22 1.59
C ILE A 143 4.62 -10.26 0.53
N ALA A 144 4.14 -9.83 -0.64
CA ALA A 144 3.95 -10.74 -1.76
C ALA A 144 5.22 -11.00 -2.53
N MET A 145 6.19 -10.09 -2.48
CA MET A 145 7.38 -10.14 -3.32
C MET A 145 8.61 -9.89 -2.47
N LYS A 146 8.76 -10.65 -1.39
CA LYS A 146 10.02 -10.60 -0.66
C LYS A 146 11.14 -11.13 -1.56
N ASN A 147 12.35 -10.67 -1.29
CA ASN A 147 13.51 -11.31 -1.88
C ASN A 147 13.56 -12.74 -1.35
N PRO A 148 13.56 -13.76 -2.22
CA PRO A 148 13.54 -15.14 -1.71
C PRO A 148 14.70 -15.46 -0.80
N LYS A 149 15.85 -14.79 -0.98
CA LYS A 149 17.01 -15.04 -0.13
C LYS A 149 16.69 -14.83 1.33
N GLU A 150 15.72 -13.97 1.65
CA GLU A 150 15.29 -13.77 3.02
C GLU A 150 13.90 -14.31 3.30
N ARG A 151 13.12 -14.67 2.28
CA ARG A 151 11.95 -15.51 2.54
C ARG A 151 12.37 -16.87 3.06
N THR A 152 13.52 -17.37 2.61
CA THR A 152 14.09 -18.57 3.20
C THR A 152 14.37 -18.37 4.68
N ALA A 153 14.92 -17.21 5.04
CA ALA A 153 15.15 -16.90 6.45
C ALA A 153 13.84 -16.84 7.22
N LEU A 154 12.79 -16.28 6.60
CA LEU A 154 11.48 -16.25 7.22
C LEU A 154 10.99 -17.65 7.54
N PHE A 155 11.01 -18.53 6.54
CA PHE A 155 10.57 -19.91 6.77
C PHE A 155 11.46 -20.62 7.78
N GLU A 156 12.75 -20.32 7.78
CA GLU A 156 13.66 -20.95 8.72
C GLU A 156 13.36 -20.53 10.15
N GLU A 157 13.10 -19.24 10.37
CA GLU A 157 12.88 -18.76 11.73
C GLU A 157 11.49 -19.11 12.24
N ILE A 158 10.49 -19.13 11.36
CA ILE A 158 9.15 -19.53 11.80
C ILE A 158 9.14 -21.01 12.19
N SER A 159 9.99 -21.81 11.55
CA SER A 159 10.06 -23.25 11.82
C SER A 159 10.74 -23.57 13.13
N ARG A 160 11.06 -22.59 13.98
CA ARG A 160 11.73 -22.82 15.25
C ARG A 160 13.06 -23.55 15.02
N SER A 161 13.83 -23.07 14.06
CA SER A 161 15.08 -23.71 13.68
C SER A 161 16.28 -22.78 13.66
N GLY A 162 16.11 -21.47 13.86
CA GLY A 162 17.23 -20.57 13.76
C GLY A 162 18.25 -20.74 14.86
N GLU A 163 17.82 -21.27 16.01
CA GLU A 163 18.71 -21.35 17.18
C GLU A 163 19.88 -22.31 16.97
N LEU A 164 19.87 -23.10 15.91
CA LEU A 164 21.00 -23.94 15.54
C LEU A 164 21.75 -23.43 14.32
N ALA A 165 21.19 -22.46 13.60
CA ALA A 165 21.82 -22.00 12.37
C ALA A 165 23.22 -21.46 12.65
N GLN A 166 23.38 -20.71 13.75
CA GLN A 166 24.68 -20.14 14.07
C GLN A 166 25.72 -21.22 14.36
N GLU A 167 25.29 -22.41 14.78
CA GLU A 167 26.20 -23.52 14.99
C GLU A 167 26.18 -24.50 13.83
N TYR A 168 25.50 -24.15 12.73
CA TYR A 168 25.42 -25.02 11.57
C TYR A 168 26.63 -24.86 10.67
N ASP A 169 26.85 -23.64 10.16
CA ASP A 169 27.76 -23.45 9.03
C ASP A 169 29.17 -23.90 9.36
N LYS A 170 29.67 -23.58 10.56
CA LYS A 170 31.05 -23.92 10.88
C LYS A 170 31.26 -25.43 10.87
N ARG A 171 30.21 -26.20 11.15
CA ARG A 171 30.32 -27.65 11.02
C ARG A 171 30.85 -28.02 9.64
N LYS A 172 30.27 -27.44 8.59
CA LYS A 172 30.75 -27.68 7.24
C LYS A 172 32.23 -27.38 7.12
N LYS A 173 32.66 -26.23 7.66
CA LYS A 173 34.06 -25.85 7.50
C LYS A 173 34.99 -26.69 8.37
N GLU A 174 34.45 -27.49 9.29
CA GLU A 174 35.26 -28.46 10.02
C GLU A 174 35.04 -29.88 9.54
N MET A 175 34.33 -30.04 8.41
CA MET A 175 34.37 -31.29 7.64
C MET A 175 35.44 -31.28 6.56
N VAL A 176 35.73 -30.11 5.98
CA VAL A 176 36.68 -30.04 4.88
C VAL A 176 38.08 -30.47 5.34
N LYS A 177 38.38 -30.33 6.63
CA LYS A 177 39.66 -30.77 7.15
C LYS A 177 39.80 -32.28 7.17
N ALA A 178 38.72 -33.03 6.96
CA ALA A 178 38.78 -34.48 6.95
C ALA A 178 39.64 -35.00 5.80
N LYS A 273 41.32 -41.35 10.78
CA LYS A 273 41.08 -41.66 12.19
C LYS A 273 39.93 -40.82 12.74
N ARG A 274 40.23 -39.58 13.10
CA ARG A 274 39.20 -38.67 13.61
C ARG A 274 38.22 -38.27 12.52
N ALA A 275 38.64 -38.34 11.25
CA ALA A 275 37.84 -37.80 10.15
C ALA A 275 36.52 -38.54 10.00
N LYS A 276 36.54 -39.87 10.10
CA LYS A 276 35.30 -40.62 9.93
C LYS A 276 34.29 -40.27 11.02
N LYS A 277 34.70 -40.37 12.28
CA LYS A 277 33.78 -40.06 13.38
C LYS A 277 33.34 -38.61 13.36
N ALA A 278 34.15 -37.72 12.78
CA ALA A 278 33.64 -36.39 12.46
C ALA A 278 32.55 -36.46 11.39
N LYS A 279 32.73 -37.36 10.41
CA LYS A 279 31.77 -37.46 9.32
C LYS A 279 30.39 -37.90 9.81
N GLN A 280 30.33 -38.92 10.68
CA GLN A 280 28.98 -39.22 11.18
C GLN A 280 28.58 -38.33 12.36
N ALA A 281 29.43 -37.41 12.79
CA ALA A 281 29.06 -36.39 13.77
C ALA A 281 28.73 -35.06 13.10
N PHE A 282 28.23 -35.10 11.88
CA PHE A 282 27.90 -33.90 11.12
C PHE A 282 26.48 -33.89 10.60
N GLU A 283 25.96 -35.04 10.19
CA GLU A 283 24.66 -35.11 9.52
C GLU A 283 23.49 -35.06 10.49
N GLN A 284 23.72 -35.15 11.80
CA GLN A 284 22.61 -35.12 12.74
C GLN A 284 21.91 -33.77 12.75
N ILE A 285 22.68 -32.69 12.89
CA ILE A 285 22.10 -31.36 12.80
C ILE A 285 21.57 -31.10 11.40
N LYS A 286 22.28 -31.61 10.39
CA LYS A 286 21.81 -31.49 9.00
C LYS A 286 20.40 -32.01 8.86
N LYS A 287 20.16 -33.25 9.28
CA LYS A 287 18.84 -33.84 9.08
C LYS A 287 17.81 -33.29 10.05
N GLU A 288 18.21 -32.86 11.25
CA GLU A 288 17.26 -32.23 12.16
C GLU A 288 16.72 -30.92 11.57
N ARG A 289 17.63 -30.04 11.16
CA ARG A 289 17.21 -28.82 10.49
C ARG A 289 16.46 -29.13 9.20
N PHE A 290 16.88 -30.18 8.50
CA PHE A 290 16.26 -30.60 7.25
C PHE A 290 14.79 -30.95 7.44
N ASP A 291 14.49 -31.87 8.37
CA ASP A 291 13.10 -32.28 8.50
C ASP A 291 12.26 -31.26 9.26
N ARG A 292 12.87 -30.41 10.09
CA ARG A 292 12.12 -29.30 10.67
C ARG A 292 11.70 -28.31 9.59
N PHE A 293 12.65 -27.92 8.73
CA PHE A 293 12.35 -27.01 7.64
C PHE A 293 11.29 -27.60 6.73
N ASN A 294 11.37 -28.90 6.44
CA ASN A 294 10.33 -29.52 5.63
C ASN A 294 8.99 -29.57 6.34
N ALA A 295 8.99 -29.91 7.63
CA ALA A 295 7.75 -29.94 8.39
C ALA A 295 7.02 -28.61 8.32
N CYS A 296 7.77 -27.50 8.23
CA CYS A 296 7.12 -26.24 7.91
C CYS A 296 6.76 -26.16 6.42
N PHE A 297 7.66 -26.61 5.55
CA PHE A 297 7.61 -26.26 4.13
C PHE A 297 6.49 -26.99 3.40
N GLU A 298 6.51 -28.33 3.42
CA GLU A 298 5.45 -29.04 2.69
C GLU A 298 4.10 -28.82 3.34
N SER A 299 4.05 -28.58 4.65
CA SER A 299 2.78 -28.24 5.28
C SER A 299 2.20 -26.95 4.68
N VAL A 300 3.00 -25.89 4.66
CA VAL A 300 2.50 -24.62 4.14
C VAL A 300 2.22 -24.73 2.65
N ALA A 301 3.03 -25.49 1.91
CA ALA A 301 2.85 -25.61 0.48
C ALA A 301 1.59 -26.40 0.14
N THR A 302 1.31 -27.46 0.89
CA THR A 302 0.13 -28.26 0.63
C THR A 302 -1.14 -27.64 1.19
N ASN A 303 -1.03 -26.63 2.06
CA ASN A 303 -2.24 -25.94 2.50
C ASN A 303 -2.51 -24.67 1.70
N ILE A 304 -1.47 -24.02 1.16
CA ILE A 304 -1.66 -22.74 0.47
C ILE A 304 -2.46 -22.90 -0.80
N ASP A 305 -2.31 -24.02 -1.52
CA ASP A 305 -3.08 -24.20 -2.75
C ASP A 305 -4.57 -24.17 -2.46
N GLU A 306 -5.00 -24.91 -1.43
CA GLU A 306 -6.41 -24.89 -1.03
C GLU A 306 -6.81 -23.54 -0.48
N ILE A 307 -5.90 -22.86 0.24
CA ILE A 307 -6.22 -21.54 0.77
C ILE A 307 -6.51 -20.56 -0.36
N TYR A 308 -5.61 -20.50 -1.34
CA TYR A 308 -5.75 -19.55 -2.44
C TYR A 308 -6.93 -19.93 -3.32
N LYS A 309 -7.18 -21.23 -3.50
CA LYS A 309 -8.37 -21.66 -4.21
C LYS A 309 -9.63 -21.19 -3.49
N ALA A 310 -9.64 -21.28 -2.15
CA ALA A 310 -10.77 -20.76 -1.40
C ALA A 310 -10.82 -19.24 -1.47
N LEU A 311 -9.66 -18.58 -1.50
CA LEU A 311 -9.64 -17.13 -1.61
C LEU A 311 -10.21 -16.66 -2.95
N SER A 312 -9.88 -17.36 -4.03
CA SER A 312 -10.33 -16.99 -5.37
C SER A 312 -11.56 -17.77 -5.83
N ARG A 313 -12.04 -18.74 -5.02
CA ARG A 313 -13.14 -19.64 -5.36
C ARG A 313 -13.10 -20.07 -6.81
N ASN A 314 -11.92 -20.41 -7.32
CA ASN A 314 -11.73 -20.84 -8.69
C ASN A 314 -10.71 -21.97 -8.73
N SER A 315 -11.03 -23.01 -9.50
CA SER A 315 -10.15 -24.17 -9.56
C SER A 315 -8.87 -23.87 -10.32
N SER A 316 -8.93 -22.99 -11.32
CA SER A 316 -7.76 -22.70 -12.15
C SER A 316 -6.66 -22.03 -11.33
N ALA A 317 -7.02 -21.10 -10.45
CA ALA A 317 -6.04 -20.40 -9.65
C ALA A 317 -5.35 -21.36 -8.68
N GLN A 318 -4.03 -21.20 -8.53
CA GLN A 318 -3.29 -22.08 -7.64
C GLN A 318 -2.00 -21.38 -7.23
N ALA A 319 -1.34 -21.94 -6.21
CA ALA A 319 -0.10 -21.37 -5.69
C ALA A 319 0.88 -22.49 -5.40
N PHE A 320 2.05 -22.45 -6.03
CA PHE A 320 3.10 -23.42 -5.83
C PHE A 320 4.28 -22.76 -5.14
N LEU A 321 4.74 -23.37 -4.05
CA LEU A 321 5.87 -22.90 -3.26
C LEU A 321 6.95 -23.97 -3.28
N GLY A 322 8.01 -23.72 -4.05
CA GLY A 322 9.09 -24.68 -4.16
C GLY A 322 10.45 -24.01 -3.97
N PRO A 323 11.35 -24.72 -3.32
CA PRO A 323 12.69 -24.16 -3.08
C PRO A 323 13.62 -24.44 -4.25
N GLU A 324 14.85 -23.96 -4.17
CA GLU A 324 15.91 -24.35 -5.08
C GLU A 324 16.91 -25.20 -4.30
N ASN A 325 17.50 -26.18 -4.99
CA ASN A 325 18.31 -27.21 -4.36
C ASN A 325 17.46 -27.91 -3.29
N PRO A 326 16.47 -28.70 -3.69
CA PRO A 326 15.57 -29.32 -2.70
C PRO A 326 16.26 -30.23 -1.72
N GLU A 327 17.46 -30.75 -2.06
CA GLU A 327 18.20 -31.56 -1.10
C GLU A 327 18.62 -30.73 0.11
N GLU A 328 18.89 -29.45 -0.09
CA GLU A 328 19.19 -28.51 1.00
C GLU A 328 18.33 -27.27 0.79
N PRO A 329 17.02 -27.38 0.99
CA PRO A 329 16.11 -26.31 0.58
C PRO A 329 16.27 -25.01 1.36
N TYR A 330 16.84 -25.07 2.56
CA TYR A 330 16.89 -23.92 3.46
C TYR A 330 18.15 -23.06 3.28
N LEU A 331 18.98 -23.35 2.27
CA LEU A 331 20.13 -22.49 2.02
C LEU A 331 19.73 -21.24 1.23
N ASP A 332 19.22 -21.42 0.02
CA ASP A 332 18.98 -20.33 -0.90
C ASP A 332 17.50 -19.96 -0.92
N GLY A 333 17.12 -19.09 -1.85
CA GLY A 333 15.78 -18.53 -1.84
C GLY A 333 14.70 -19.57 -2.03
N ILE A 334 13.53 -19.26 -1.48
CA ILE A 334 12.35 -20.09 -1.57
C ILE A 334 11.50 -19.52 -2.69
N ASN A 335 11.60 -20.11 -3.88
CA ASN A 335 10.85 -19.60 -5.02
C ASN A 335 9.35 -19.73 -4.76
N TYR A 336 8.62 -18.66 -5.04
CA TYR A 336 7.18 -18.61 -4.83
C TYR A 336 6.51 -18.24 -6.15
N ASN A 337 5.56 -19.06 -6.59
CA ASN A 337 4.87 -18.79 -7.84
C ASN A 337 3.39 -19.06 -7.66
N CYS A 338 2.58 -18.40 -8.50
CA CYS A 338 1.15 -18.63 -8.48
C CYS A 338 0.59 -18.50 -9.89
N VAL A 339 -0.40 -19.34 -10.19
CA VAL A 339 -1.09 -19.33 -11.48
C VAL A 339 -2.43 -18.65 -11.28
N ALA A 340 -2.61 -17.51 -11.94
CA ALA A 340 -3.82 -16.71 -11.83
C ALA A 340 -4.98 -17.39 -12.56
N PRO A 341 -6.23 -17.03 -12.23
CA PRO A 341 -7.36 -17.63 -12.95
C PRO A 341 -7.32 -17.42 -14.45
N GLY A 342 -6.86 -16.26 -14.91
CA GLY A 342 -6.87 -15.98 -16.34
C GLY A 342 -5.50 -16.06 -16.99
N LYS A 343 -4.46 -16.33 -16.21
CA LYS A 343 -3.09 -16.33 -16.69
C LYS A 343 -2.44 -17.66 -16.37
N ARG A 344 -1.48 -18.06 -17.20
CA ARG A 344 -0.76 -19.30 -17.00
C ARG A 344 0.40 -19.07 -16.05
N PHE A 345 1.28 -20.07 -15.93
CA PHE A 345 2.44 -19.96 -15.04
C PHE A 345 3.37 -18.85 -15.52
N ARG A 346 3.54 -17.83 -14.68
CA ARG A 346 4.32 -16.65 -15.02
C ARG A 346 5.06 -16.19 -13.78
N PRO A 347 6.14 -15.41 -13.97
CA PRO A 347 6.89 -14.93 -12.79
C PRO A 347 6.03 -14.10 -11.87
N MET A 348 6.27 -14.24 -10.57
CA MET A 348 5.46 -13.54 -9.58
C MET A 348 5.70 -12.03 -9.65
N ASP A 349 6.95 -11.62 -9.86
CA ASP A 349 7.32 -10.21 -9.75
C ASP A 349 6.59 -9.32 -10.75
N ASN A 350 6.04 -9.89 -11.81
CA ASN A 350 5.29 -9.12 -12.80
C ASN A 350 3.79 -9.38 -12.74
N LEU A 351 3.31 -9.95 -11.63
CA LEU A 351 1.89 -10.21 -11.47
C LEU A 351 1.13 -8.90 -11.33
N SER A 352 -0.14 -8.93 -11.73
CA SER A 352 -1.00 -7.78 -11.56
C SER A 352 -1.13 -7.40 -10.09
N GLY A 353 -1.22 -6.09 -9.82
CA GLY A 353 -1.37 -5.63 -8.45
C GLY A 353 -2.63 -6.12 -7.78
N GLY A 354 -3.63 -6.55 -8.56
CA GLY A 354 -4.83 -7.09 -7.95
C GLY A 354 -4.63 -8.48 -7.40
N GLU A 355 -4.06 -9.38 -8.21
CA GLU A 355 -3.81 -10.74 -7.74
C GLU A 355 -2.60 -10.82 -6.83
N LYS A 356 -1.57 -9.99 -7.08
CA LYS A 356 -0.35 -10.06 -6.27
C LYS A 356 -0.66 -9.94 -4.79
N THR A 357 -1.41 -8.91 -4.40
CA THR A 357 -1.81 -8.77 -3.00
C THR A 357 -2.56 -10.01 -2.52
N VAL A 358 -3.48 -10.52 -3.35
CA VAL A 358 -4.17 -11.76 -2.99
C VAL A 358 -3.16 -12.86 -2.73
N ALA A 359 -2.18 -13.00 -3.62
CA ALA A 359 -1.10 -13.96 -3.39
C ALA A 359 -0.50 -13.75 -2.01
N ALA A 360 -0.13 -12.50 -1.70
CA ALA A 360 0.40 -12.18 -0.38
C ALA A 360 -0.56 -12.68 0.70
N LEU A 361 -1.83 -12.31 0.58
CA LEU A 361 -2.81 -12.74 1.56
C LEU A 361 -2.80 -14.26 1.66
N ALA A 362 -2.82 -14.95 0.53
CA ALA A 362 -2.73 -16.40 0.54
C ALA A 362 -1.50 -16.85 1.33
N LEU A 363 -0.34 -16.30 0.96
CA LEU A 363 0.88 -16.63 1.71
C LEU A 363 0.74 -16.18 3.16
N LEU A 364 0.18 -14.98 3.38
CA LEU A 364 -0.03 -14.51 4.75
C LEU A 364 -0.98 -15.43 5.49
N PHE A 365 -1.91 -16.06 4.78
CA PHE A 365 -2.84 -17.00 5.40
C PHE A 365 -2.40 -18.45 5.21
N ALA A 366 -1.19 -18.67 4.69
CA ALA A 366 -0.64 -20.00 4.52
C ALA A 366 0.38 -20.34 5.60
N ILE A 367 1.29 -19.42 5.90
CA ILE A 367 2.23 -19.61 6.99
C ILE A 367 1.51 -19.71 8.32
N HIS A 368 0.23 -19.32 8.38
CA HIS A 368 -0.60 -19.58 9.54
C HIS A 368 -0.84 -21.06 9.76
N SER A 369 -0.67 -21.90 8.72
CA SER A 369 -0.85 -23.33 8.90
C SER A 369 0.16 -23.92 9.87
N TYR A 370 1.43 -23.51 9.72
CA TYR A 370 2.48 -23.97 10.62
C TYR A 370 2.67 -22.93 11.71
N LYS A 371 2.54 -23.34 12.97
CA LYS A 371 2.59 -22.45 14.12
C LYS A 371 1.61 -21.30 13.94
N PRO A 372 0.31 -21.55 14.07
CA PRO A 372 -0.69 -20.49 13.83
C PRO A 372 -0.54 -19.33 14.81
N ALA A 373 -0.34 -18.14 14.27
CA ALA A 373 -0.25 -16.95 15.09
C ALA A 373 -1.60 -16.62 15.70
N PRO A 374 -1.61 -16.04 16.90
CA PRO A 374 -2.89 -15.73 17.55
C PRO A 374 -3.78 -14.79 16.76
N PHE A 375 -3.21 -13.79 16.08
CA PHE A 375 -4.04 -12.82 15.38
C PHE A 375 -3.25 -12.21 14.23
N PHE A 376 -3.99 -11.75 13.22
CA PHE A 376 -3.42 -11.07 12.06
C PHE A 376 -3.98 -9.65 12.01
N VAL A 377 -3.09 -8.68 11.79
CA VAL A 377 -3.48 -7.29 11.58
C VAL A 377 -3.12 -6.92 10.16
N LEU A 378 -4.07 -6.32 9.44
CA LEU A 378 -3.89 -5.96 8.04
C LEU A 378 -4.06 -4.46 7.89
N ASP A 379 -3.02 -3.81 7.37
CA ASP A 379 -2.98 -2.35 7.25
C ASP A 379 -3.16 -1.98 5.77
N GLN A 380 -4.41 -1.74 5.39
CA GLN A 380 -4.79 -1.44 4.02
C GLN A 380 -4.19 -2.43 3.02
N ILE A 381 -4.58 -3.69 3.18
CA ILE A 381 -4.39 -4.64 2.10
C ILE A 381 -5.24 -4.25 0.90
N ASP A 382 -6.21 -3.37 1.12
CA ASP A 382 -7.10 -2.89 0.06
C ASP A 382 -6.40 -1.80 -0.75
N ALA A 383 -5.18 -2.06 -1.19
CA ALA A 383 -4.44 -1.06 -1.95
C ALA A 383 -4.73 -1.18 -3.44
N ALA A 384 -4.56 -2.38 -3.99
CA ALA A 384 -4.78 -2.65 -5.40
C ALA A 384 -5.87 -3.69 -5.60
N LEU A 385 -6.91 -3.63 -4.77
CA LEU A 385 -7.99 -4.61 -4.79
C LEU A 385 -9.30 -3.92 -5.17
N ASP A 386 -10.03 -4.53 -6.11
CA ASP A 386 -11.25 -3.94 -6.62
C ASP A 386 -12.46 -4.45 -5.84
N ASN A 387 -13.60 -3.78 -6.04
CA ASN A 387 -14.81 -4.20 -5.37
C ASN A 387 -15.26 -5.60 -5.79
N THR A 388 -14.83 -6.06 -6.96
CA THR A 388 -15.14 -7.41 -7.43
C THR A 388 -14.19 -8.46 -6.87
N ASN A 389 -13.15 -8.05 -6.13
CA ASN A 389 -12.21 -8.99 -5.53
C ASN A 389 -12.06 -8.85 -4.03
N ILE A 390 -12.32 -7.68 -3.44
CA ILE A 390 -12.32 -7.57 -1.99
C ILE A 390 -13.45 -8.40 -1.39
N GLY A 391 -14.51 -8.68 -2.16
CA GLY A 391 -15.59 -9.49 -1.63
C GLY A 391 -15.15 -10.91 -1.31
N LYS A 392 -14.36 -11.51 -2.21
CA LYS A 392 -13.88 -12.87 -1.97
C LYS A 392 -12.95 -12.93 -0.78
N VAL A 393 -12.04 -11.97 -0.66
CA VAL A 393 -11.15 -11.92 0.50
C VAL A 393 -11.95 -11.72 1.77
N ALA A 394 -12.95 -10.83 1.74
CA ALA A 394 -13.76 -10.58 2.93
C ALA A 394 -14.54 -11.84 3.32
N ASN A 395 -15.08 -12.56 2.34
CA ASN A 395 -15.80 -13.79 2.64
C ASN A 395 -14.87 -14.84 3.24
N TYR A 396 -13.66 -14.97 2.71
CA TYR A 396 -12.69 -15.90 3.27
C TYR A 396 -12.34 -15.51 4.71
N ILE A 397 -12.17 -14.21 4.95
CA ILE A 397 -11.84 -13.76 6.30
C ILE A 397 -13.00 -14.05 7.25
N LYS A 398 -14.24 -13.87 6.77
CA LYS A 398 -15.39 -14.16 7.61
C LYS A 398 -15.50 -15.63 7.94
N GLU A 399 -15.24 -16.50 6.96
CA GLU A 399 -15.38 -17.94 7.21
C GLU A 399 -14.22 -18.49 8.04
N GLN A 400 -13.03 -17.87 7.96
CA GLN A 400 -11.86 -18.35 8.69
C GLN A 400 -11.52 -17.51 9.91
N SER A 401 -12.38 -16.56 10.27
CA SER A 401 -12.13 -15.70 11.42
C SER A 401 -12.89 -16.13 12.66
N THR A 402 -13.85 -17.05 12.52
CA THR A 402 -14.55 -17.62 13.66
C THR A 402 -14.25 -19.10 13.85
N CYS A 403 -13.27 -19.63 13.12
CA CYS A 403 -12.98 -21.06 13.14
C CYS A 403 -11.51 -21.34 13.46
N ASN A 404 -10.62 -20.49 12.97
CA ASN A 404 -9.18 -20.73 13.10
C ASN A 404 -8.45 -19.66 13.88
N PHE A 405 -8.66 -18.39 13.56
CA PHE A 405 -7.84 -17.33 14.14
C PHE A 405 -8.70 -16.07 14.26
N GLN A 406 -8.04 -14.94 14.47
CA GLN A 406 -8.69 -13.64 14.56
C GLN A 406 -7.95 -12.66 13.65
N ALA A 407 -8.68 -11.67 13.13
CA ALA A 407 -8.11 -10.71 12.21
C ALA A 407 -8.69 -9.33 12.46
N ILE A 408 -7.81 -8.33 12.52
CA ILE A 408 -8.19 -6.93 12.56
C ILE A 408 -7.59 -6.24 11.34
N VAL A 409 -8.40 -5.45 10.65
CA VAL A 409 -8.02 -4.90 9.35
C VAL A 409 -8.13 -3.38 9.36
N ILE A 410 -7.13 -2.73 8.78
CA ILE A 410 -7.23 -1.34 8.35
C ILE A 410 -7.70 -1.34 6.91
N SER A 411 -8.75 -0.57 6.62
CA SER A 411 -9.28 -0.54 5.27
C SER A 411 -9.99 0.78 5.03
N LEU A 412 -10.19 1.10 3.76
CA LEU A 412 -10.82 2.35 3.36
C LEU A 412 -12.01 2.09 2.44
N LYS A 413 -11.96 1.02 1.65
CA LYS A 413 -13.04 0.68 0.75
C LYS A 413 -14.26 0.25 1.54
N GLU A 414 -15.42 0.87 1.22
CA GLU A 414 -16.61 0.70 2.04
C GLU A 414 -17.05 -0.76 2.09
N GLU A 415 -16.89 -1.50 0.99
CA GLU A 415 -17.34 -2.88 0.94
C GLU A 415 -16.57 -3.76 1.92
N PHE A 416 -15.26 -3.58 2.00
CA PHE A 416 -14.44 -4.54 2.74
C PHE A 416 -14.72 -4.50 4.24
N TYR A 417 -14.72 -3.30 4.83
CA TYR A 417 -14.99 -3.22 6.26
C TYR A 417 -16.47 -3.31 6.59
N THR A 418 -17.35 -3.33 5.59
CA THR A 418 -18.76 -3.60 5.85
C THR A 418 -18.95 -5.00 6.41
N LYS A 419 -18.23 -5.98 5.86
CA LYS A 419 -18.41 -7.37 6.27
C LYS A 419 -17.93 -7.62 7.69
N ALA A 420 -17.01 -6.79 8.18
CA ALA A 420 -16.44 -7.03 9.51
C ALA A 420 -17.51 -6.93 10.59
N GLU A 421 -17.34 -7.76 11.62
CA GLU A 421 -18.33 -7.79 12.71
C GLU A 421 -18.37 -6.46 13.45
N SER A 422 -17.21 -5.87 13.72
CA SER A 422 -17.13 -4.60 14.43
C SER A 422 -16.32 -3.62 13.59
N LEU A 423 -16.61 -2.34 13.78
CA LEU A 423 -16.06 -1.27 12.96
C LEU A 423 -15.58 -0.12 13.83
N ILE A 424 -14.76 -0.45 14.83
CA ILE A 424 -14.11 0.59 15.61
C ILE A 424 -13.37 1.55 14.68
N GLY A 425 -13.31 2.83 15.07
CA GLY A 425 -12.72 3.83 14.23
C GLY A 425 -11.79 4.74 15.02
N VAL A 426 -11.06 5.58 14.28
CA VAL A 426 -10.12 6.53 14.88
C VAL A 426 -10.31 7.88 14.21
N TYR A 427 -10.28 8.95 15.01
CA TYR A 427 -10.50 10.29 14.51
C TYR A 427 -9.56 11.26 15.20
N PRO A 428 -9.15 12.32 14.51
CA PRO A 428 -8.28 13.32 15.14
C PRO A 428 -9.06 14.45 15.79
N GLU A 429 -8.33 15.39 16.39
CA GLU A 429 -8.91 16.50 17.14
C GLU A 429 -7.84 17.56 17.33
N GLN A 430 -8.25 18.82 17.22
CA GLN A 430 -7.32 19.94 17.33
C GLN A 430 -6.87 20.13 18.77
N GLY A 431 -5.73 20.80 18.92
CA GLY A 431 -5.19 21.05 20.25
C GLY A 431 -3.79 21.61 20.14
N ASP A 432 -3.02 21.42 21.21
CA ASP A 432 -1.62 21.81 21.18
C ASP A 432 -0.86 21.02 20.13
N CYS A 433 -1.13 19.72 20.03
CA CYS A 433 -0.60 18.84 19.00
C CYS A 433 -1.77 18.28 18.20
N VAL A 434 -1.46 17.35 17.30
CA VAL A 434 -2.50 16.67 16.53
C VAL A 434 -3.06 15.54 17.39
N ILE A 435 -4.14 15.83 18.11
CA ILE A 435 -4.72 14.83 19.00
C ILE A 435 -5.36 13.73 18.16
N SER A 436 -5.23 12.49 18.59
CA SER A 436 -5.92 11.37 17.94
C SER A 436 -6.57 10.51 19.01
N LYS A 437 -7.80 10.07 18.76
CA LYS A 437 -8.49 9.22 19.71
C LYS A 437 -9.48 8.32 18.97
N VAL A 438 -9.84 7.22 19.62
CA VAL A 438 -10.51 6.10 18.99
C VAL A 438 -12.00 6.15 19.33
N LEU A 439 -12.85 5.97 18.32
CA LEU A 439 -14.28 5.84 18.49
C LEU A 439 -14.70 4.43 18.10
N THR A 440 -15.47 3.78 18.97
CA THR A 440 -15.81 2.38 18.79
C THR A 440 -17.32 2.21 18.71
N PHE A 441 -17.79 1.53 17.66
CA PHE A 441 -19.18 1.10 17.51
C PHE A 441 -19.21 -0.40 17.22
N ASP A 442 -20.40 -0.90 16.91
CA ASP A 442 -20.59 -2.32 16.60
C ASP A 442 -21.54 -2.43 15.41
N LEU A 443 -21.44 -3.55 14.69
CA LEU A 443 -22.29 -3.80 13.53
C LEU A 443 -23.06 -5.10 13.61
N THR A 444 -22.58 -6.10 14.35
CA THR A 444 -23.27 -7.39 14.40
C THR A 444 -24.67 -7.27 14.96
N LYS A 445 -24.93 -6.26 15.81
CA LYS A 445 -26.30 -6.02 16.26
C LYS A 445 -27.20 -5.58 15.11
N TYR A 446 -26.66 -4.78 14.19
CA TYR A 446 -27.44 -4.31 13.06
C TYR A 446 -27.72 -5.46 12.10
N PRO A 447 -28.81 -5.38 11.34
CA PRO A 447 -29.15 -6.46 10.40
C PRO A 447 -28.16 -6.54 9.25
N ASP A 448 -28.12 -7.73 8.63
CA ASP A 448 -27.22 -7.98 7.52
C ASP A 448 -27.59 -7.10 6.32
N ALA A 449 -26.58 -6.81 5.50
CA ALA A 449 -26.80 -5.97 4.33
C ALA A 449 -27.75 -6.64 3.36
N ASN A 450 -28.58 -5.84 2.70
CA ASN A 450 -29.56 -6.35 1.74
C ASN A 450 -29.05 -6.19 0.32
N MET B 1 2.37 16.56 -24.03
CA MET B 1 1.69 17.84 -24.05
C MET B 1 0.22 17.68 -24.41
N TYR B 2 -0.08 16.70 -25.27
CA TYR B 2 -1.46 16.38 -25.58
C TYR B 2 -1.49 14.93 -26.05
N ILE B 3 -1.92 14.02 -25.17
CA ILE B 3 -2.10 12.61 -25.52
C ILE B 3 -3.36 12.53 -26.37
N LYS B 4 -3.21 12.38 -27.68
CA LYS B 4 -4.37 12.31 -28.55
C LYS B 4 -4.81 10.88 -28.80
N GLN B 5 -3.92 10.05 -29.37
CA GLN B 5 -4.27 8.70 -29.75
C GLN B 5 -3.26 7.71 -29.17
N VAL B 6 -3.73 6.50 -28.90
CA VAL B 6 -2.89 5.40 -28.45
C VAL B 6 -3.31 4.14 -29.21
N ILE B 7 -2.33 3.39 -29.70
CA ILE B 7 -2.55 2.14 -30.40
C ILE B 7 -1.70 1.07 -29.73
N ILE B 8 -2.32 -0.05 -29.37
CA ILE B 8 -1.67 -1.16 -28.71
C ILE B 8 -1.92 -2.42 -29.52
N GLN B 9 -0.86 -3.22 -29.69
CA GLN B 9 -0.97 -4.49 -30.44
C GLN B 9 -0.02 -5.49 -29.77
N GLY B 10 -0.57 -6.32 -28.89
CA GLY B 10 0.21 -7.39 -28.29
C GLY B 10 1.35 -6.94 -27.42
N PHE B 11 1.14 -5.93 -26.58
CA PHE B 11 2.21 -5.51 -25.68
C PHE B 11 2.24 -6.40 -24.45
N ARG B 12 1.21 -6.32 -23.61
CA ARG B 12 1.15 -7.21 -22.46
C ARG B 12 -0.23 -7.78 -22.16
N SER B 13 -1.31 -7.21 -22.67
CA SER B 13 -2.63 -7.78 -22.44
C SER B 13 -3.54 -7.78 -23.65
N TYR B 14 -3.22 -7.03 -24.71
CA TYR B 14 -4.12 -6.86 -25.85
C TYR B 14 -3.47 -7.50 -27.07
N ARG B 15 -3.72 -8.80 -27.25
CA ARG B 15 -3.05 -9.54 -28.32
C ARG B 15 -3.39 -8.99 -29.70
N ASP B 16 -4.68 -8.75 -29.96
CA ASP B 16 -5.13 -8.34 -31.27
C ASP B 16 -5.23 -6.83 -31.36
N GLN B 17 -5.81 -6.34 -32.46
CA GLN B 17 -5.96 -4.90 -32.67
C GLN B 17 -6.79 -4.28 -31.55
N THR B 18 -6.31 -3.17 -31.01
CA THR B 18 -6.96 -2.48 -29.90
C THR B 18 -6.99 -0.98 -30.16
N ILE B 19 -7.44 -0.60 -31.37
CA ILE B 19 -7.55 0.81 -31.70
C ILE B 19 -8.53 1.48 -30.76
N VAL B 20 -8.13 2.61 -30.20
CA VAL B 20 -8.91 3.30 -29.17
C VAL B 20 -9.43 4.60 -29.74
N ASP B 21 -10.62 4.99 -29.29
CA ASP B 21 -11.15 6.32 -29.57
C ASP B 21 -10.23 7.36 -28.92
N PRO B 22 -9.79 8.37 -29.68
CA PRO B 22 -8.79 9.31 -29.16
C PRO B 22 -9.18 9.96 -27.85
N PHE B 23 -8.15 10.29 -27.05
CA PHE B 23 -8.32 10.72 -25.68
C PHE B 23 -9.04 12.06 -25.59
N SER B 24 -9.38 12.44 -24.36
CA SER B 24 -10.02 13.71 -24.09
C SER B 24 -9.00 14.83 -24.01
N SER B 25 -9.50 16.07 -23.99
CA SER B 25 -8.64 17.23 -23.95
C SER B 25 -8.03 17.48 -22.57
N LYS B 26 -8.77 17.17 -21.50
CA LYS B 26 -8.39 17.58 -20.16
C LYS B 26 -8.04 16.40 -19.26
N HIS B 27 -8.94 15.44 -19.10
CA HIS B 27 -8.78 14.43 -18.08
C HIS B 27 -9.32 13.10 -18.59
N ASN B 28 -8.72 12.00 -18.11
CA ASN B 28 -9.07 10.67 -18.59
C ASN B 28 -8.90 9.67 -17.45
N VAL B 29 -10.00 9.01 -17.08
CA VAL B 29 -10.00 8.00 -16.03
C VAL B 29 -10.26 6.65 -16.66
N ILE B 30 -9.45 5.66 -16.28
CA ILE B 30 -9.49 4.33 -16.88
C ILE B 30 -9.89 3.36 -15.78
N VAL B 31 -11.19 3.09 -15.65
CA VAL B 31 -11.70 2.16 -14.66
C VAL B 31 -11.68 0.75 -15.25
N GLY B 32 -11.57 -0.24 -14.38
CA GLY B 32 -11.52 -1.62 -14.85
C GLY B 32 -11.47 -2.58 -13.69
N ARG B 33 -11.32 -3.85 -14.02
CA ARG B 33 -11.29 -4.94 -13.06
C ARG B 33 -9.85 -5.37 -12.80
N ASN B 34 -9.70 -6.25 -11.82
CA ASN B 34 -8.38 -6.78 -11.48
C ASN B 34 -7.91 -7.76 -12.55
N GLY B 35 -6.63 -7.69 -12.87
CA GLY B 35 -6.07 -8.53 -13.91
C GLY B 35 -6.66 -8.23 -15.27
N SER B 36 -6.75 -6.96 -15.62
CA SER B 36 -7.40 -6.52 -16.85
C SER B 36 -6.48 -5.80 -17.80
N GLY B 37 -5.51 -5.05 -17.31
CA GLY B 37 -4.64 -4.30 -18.20
C GLY B 37 -4.79 -2.79 -18.11
N LYS B 38 -4.98 -2.26 -16.91
CA LYS B 38 -4.92 -0.82 -16.69
C LYS B 38 -3.47 -0.34 -16.55
N SER B 39 -2.71 -0.97 -15.66
CA SER B 39 -1.30 -0.59 -15.50
C SER B 39 -0.53 -0.87 -16.78
N ASN B 40 -0.78 -2.00 -17.43
CA ASN B 40 -0.11 -2.29 -18.69
C ASN B 40 -0.40 -1.21 -19.72
N PHE B 41 -1.58 -0.60 -19.66
CA PHE B 41 -1.84 0.56 -20.52
C PHE B 41 -0.97 1.74 -20.10
N PHE B 42 -0.87 2.02 -18.80
CA PHE B 42 -0.02 3.11 -18.35
C PHE B 42 1.45 2.80 -18.59
N TYR B 43 1.84 1.54 -18.37
CA TYR B 43 3.21 1.14 -18.70
C TYR B 43 3.46 1.27 -20.19
N ALA B 44 2.45 1.04 -21.02
CA ALA B 44 2.60 1.29 -22.46
C ALA B 44 2.76 2.77 -22.75
N ILE B 45 1.99 3.62 -22.07
CA ILE B 45 2.07 5.06 -22.29
C ILE B 45 3.46 5.56 -21.95
N GLN B 46 4.02 5.11 -20.84
CA GLN B 46 5.35 5.54 -20.44
C GLN B 46 6.45 4.64 -20.99
N PHE B 47 6.09 3.65 -21.81
CA PHE B 47 7.09 2.80 -22.45
C PHE B 47 7.83 3.54 -23.56
N VAL B 48 7.19 4.56 -24.15
CA VAL B 48 7.81 5.34 -25.21
C VAL B 48 8.42 6.63 -24.71
N LEU B 49 8.22 6.99 -23.43
CA LEU B 49 8.63 8.27 -22.91
C LEU B 49 9.28 8.17 -21.52
N SER B 50 9.64 6.97 -21.07
CA SER B 50 10.42 6.80 -19.85
C SER B 50 11.51 5.79 -20.12
N ASP B 51 12.73 6.10 -19.66
CA ASP B 51 13.88 5.29 -20.04
C ASP B 51 13.89 3.94 -19.34
N GLU B 52 13.43 3.89 -18.07
CA GLU B 52 13.72 2.73 -17.23
C GLU B 52 12.76 1.57 -17.48
N PHE B 53 12.58 1.20 -18.75
CA PHE B 53 11.93 -0.05 -19.13
C PHE B 53 12.85 -0.88 -20.01
N SER B 54 13.64 -0.21 -20.85
CA SER B 54 14.49 -0.87 -21.83
C SER B 54 15.95 -0.93 -21.41
N HIS B 55 16.27 -0.51 -20.18
CA HIS B 55 17.65 -0.52 -19.72
C HIS B 55 18.06 -1.83 -19.06
N LEU B 56 17.13 -2.76 -18.88
CA LEU B 56 17.40 -3.99 -18.13
C LEU B 56 17.81 -5.10 -19.09
N ARG B 57 18.18 -6.24 -18.52
CA ARG B 57 18.53 -7.41 -19.32
C ARG B 57 17.32 -7.86 -20.15
N PRO B 58 17.56 -8.44 -21.33
CA PRO B 58 16.43 -8.89 -22.16
C PRO B 58 15.72 -10.12 -21.58
N GLU B 59 15.36 -10.04 -20.30
CA GLU B 59 14.55 -11.05 -19.63
C GLU B 59 13.18 -10.49 -19.26
N GLN B 60 13.14 -9.39 -18.51
CA GLN B 60 11.89 -8.68 -18.33
C GLN B 60 11.41 -8.09 -19.65
N ARG B 61 12.33 -7.68 -20.52
CA ARG B 61 11.95 -7.24 -21.86
C ARG B 61 11.38 -8.39 -22.67
N LEU B 62 11.96 -9.58 -22.58
CA LEU B 62 11.43 -10.74 -23.29
C LEU B 62 10.06 -11.13 -22.78
N ALA B 63 9.88 -11.15 -21.46
CA ALA B 63 8.58 -11.42 -20.86
C ALA B 63 7.62 -10.25 -21.02
N LEU B 64 8.11 -9.10 -21.47
CA LEU B 64 7.28 -7.92 -21.66
C LEU B 64 6.41 -8.00 -22.91
N LEU B 65 6.59 -9.03 -23.73
CA LEU B 65 5.74 -9.27 -24.89
C LEU B 65 4.68 -10.29 -24.55
N HIS B 66 3.54 -10.21 -25.22
CA HIS B 66 2.40 -11.05 -24.89
C HIS B 66 2.66 -12.47 -25.33
N GLU B 67 2.80 -13.38 -24.36
CA GLU B 67 2.99 -14.81 -24.63
C GLU B 67 1.90 -15.66 -24.00
N GLY B 68 0.77 -15.05 -23.63
CA GLY B 68 -0.28 -15.78 -22.94
C GLY B 68 -1.06 -16.73 -23.83
N THR B 69 -1.00 -16.55 -25.14
CA THR B 69 -1.70 -17.40 -26.09
C THR B 69 -0.80 -18.45 -26.72
N GLY B 70 0.44 -18.60 -26.24
CA GLY B 70 1.37 -19.53 -26.80
C GLY B 70 2.64 -18.86 -27.28
N PRO B 71 2.85 -18.86 -28.59
CA PRO B 71 4.04 -18.22 -29.15
C PRO B 71 4.06 -16.73 -28.87
N ARG B 72 5.26 -16.19 -28.69
CA ARG B 72 5.40 -14.76 -28.43
C ARG B 72 4.99 -13.96 -29.65
N VAL B 73 4.37 -12.81 -29.43
CA VAL B 73 3.95 -11.95 -30.52
C VAL B 73 5.18 -11.34 -31.18
N ILE B 74 5.22 -11.38 -32.51
CA ILE B 74 6.40 -10.89 -33.23
C ILE B 74 6.59 -9.40 -33.01
N SER B 75 5.51 -8.63 -33.06
CA SER B 75 5.57 -7.17 -32.94
C SER B 75 4.71 -6.72 -31.78
N ALA B 76 5.35 -6.23 -30.71
CA ALA B 76 4.65 -5.58 -29.61
C ALA B 76 4.60 -4.09 -29.94
N PHE B 77 3.41 -3.62 -30.30
CA PHE B 77 3.23 -2.30 -30.89
C PHE B 77 2.59 -1.36 -29.87
N VAL B 78 3.23 -0.23 -29.61
CA VAL B 78 2.67 0.83 -28.79
C VAL B 78 2.95 2.16 -29.47
N GLU B 79 1.89 2.96 -29.65
CA GLU B 79 2.02 4.21 -30.38
C GLU B 79 1.16 5.28 -29.72
N ILE B 80 1.74 6.47 -29.52
CA ILE B 80 0.99 7.63 -29.07
C ILE B 80 1.39 8.83 -29.95
N ILE B 81 0.39 9.47 -30.56
CA ILE B 81 0.62 10.60 -31.45
C ILE B 81 0.24 11.87 -30.70
N PHE B 82 1.12 12.86 -30.75
CA PHE B 82 0.99 14.07 -29.95
C PHE B 82 0.33 15.18 -30.76
N ASP B 83 0.29 16.38 -30.18
CA ASP B 83 -0.38 17.52 -30.79
C ASP B 83 0.41 18.78 -30.42
N ASN B 84 1.22 19.26 -31.35
CA ASN B 84 2.01 20.48 -31.14
C ASN B 84 1.25 21.72 -31.58
N SER B 85 0.00 21.86 -31.09
CA SER B 85 -0.79 23.04 -31.43
C SER B 85 -0.19 24.30 -30.84
N ASP B 86 0.34 24.22 -29.62
CA ASP B 86 0.96 25.34 -28.95
C ASP B 86 2.43 25.50 -29.30
N ASN B 87 2.93 24.71 -30.26
CA ASN B 87 4.31 24.78 -30.72
C ASN B 87 5.31 24.53 -29.58
N ARG B 88 4.94 23.68 -28.63
CA ARG B 88 5.86 23.36 -27.54
C ARG B 88 6.94 22.40 -27.99
N LEU B 89 6.60 21.44 -28.85
CA LEU B 89 7.59 20.53 -29.39
C LEU B 89 8.46 21.25 -30.41
N PRO B 90 9.76 20.91 -30.48
CA PRO B 90 10.60 21.51 -31.52
C PRO B 90 10.09 21.27 -32.93
N ILE B 91 9.49 20.11 -33.19
CA ILE B 91 8.93 19.81 -34.50
C ILE B 91 7.60 20.54 -34.62
N ASP B 92 7.47 21.36 -35.67
CA ASP B 92 6.28 22.18 -35.87
C ASP B 92 5.24 21.44 -36.72
N LYS B 93 4.83 20.28 -36.23
CA LYS B 93 3.81 19.47 -36.86
C LYS B 93 2.59 19.39 -35.95
N GLU B 94 1.41 19.68 -36.52
CA GLU B 94 0.20 19.70 -35.71
C GLU B 94 -0.11 18.34 -35.11
N GLU B 95 0.21 17.26 -35.82
CA GLU B 95 -0.02 15.89 -35.36
C GLU B 95 1.27 15.10 -35.52
N VAL B 96 2.05 15.03 -34.45
CA VAL B 96 3.33 14.32 -34.46
C VAL B 96 3.09 12.86 -34.11
N SER B 97 3.56 11.97 -34.97
CA SER B 97 3.43 10.53 -34.74
C SER B 97 4.70 10.02 -34.06
N LEU B 98 4.53 9.48 -32.85
CA LEU B 98 5.63 8.99 -32.04
C LEU B 98 5.31 7.58 -31.56
N ARG B 99 6.27 6.66 -31.71
CA ARG B 99 5.98 5.30 -31.28
C ARG B 99 7.26 4.51 -31.12
N ARG B 100 7.19 3.48 -30.27
CA ARG B 100 8.27 2.52 -30.10
C ARG B 100 7.80 1.14 -30.53
N VAL B 101 8.57 0.49 -31.39
CA VAL B 101 8.29 -0.87 -31.84
C VAL B 101 9.32 -1.79 -31.21
N ILE B 102 8.84 -2.81 -30.52
CA ILE B 102 9.67 -3.80 -29.86
C ILE B 102 9.21 -5.20 -30.27
N GLY B 103 10.17 -6.08 -30.53
CA GLY B 103 9.90 -7.46 -30.86
C GLY B 103 10.76 -8.38 -30.02
N ALA B 104 11.21 -9.47 -30.63
CA ALA B 104 12.14 -10.38 -29.95
C ALA B 104 13.45 -9.66 -29.64
N LYS B 105 13.97 -8.90 -30.61
CA LYS B 105 15.20 -8.15 -30.43
C LYS B 105 15.08 -6.67 -30.79
N LYS B 106 13.98 -6.27 -31.44
CA LYS B 106 13.81 -4.89 -31.88
C LYS B 106 13.43 -4.00 -30.70
N ASP B 107 14.00 -2.79 -30.68
CA ASP B 107 13.70 -1.81 -29.64
C ASP B 107 13.66 -0.40 -30.20
N GLN B 108 13.20 -0.22 -31.44
CA GLN B 108 13.47 1.01 -32.17
C GLN B 108 12.27 1.95 -32.13
N TYR B 109 12.45 3.15 -32.68
CA TYR B 109 11.42 4.17 -32.70
C TYR B 109 10.92 4.37 -34.12
N PHE B 110 9.64 4.72 -34.25
CA PHE B 110 9.11 5.30 -35.47
C PHE B 110 8.63 6.71 -35.15
N LEU B 111 9.18 7.69 -35.87
CA LEU B 111 8.80 9.09 -35.74
C LEU B 111 8.16 9.55 -37.05
N ASP B 112 6.95 10.11 -36.94
CA ASP B 112 6.12 10.51 -38.09
C ASP B 112 6.24 9.50 -39.23
N LYS B 113 6.14 8.22 -38.86
CA LYS B 113 6.15 7.10 -39.81
C LYS B 113 7.48 6.98 -40.55
N LYS B 114 8.58 7.02 -39.79
CA LYS B 114 9.86 6.59 -40.33
C LYS B 114 10.67 5.94 -39.21
N MET B 115 11.50 4.98 -39.60
CA MET B 115 12.32 4.25 -38.64
C MET B 115 13.46 5.14 -38.13
N VAL B 116 13.80 4.98 -36.85
CA VAL B 116 14.86 5.77 -36.24
C VAL B 116 15.32 5.05 -34.98
N THR B 117 16.54 5.37 -34.53
CA THR B 117 17.18 4.77 -33.38
C THR B 117 16.79 5.51 -32.11
N LYS B 118 16.99 4.85 -30.97
CA LYS B 118 16.67 5.45 -29.67
C LYS B 118 17.42 6.76 -29.44
N ASN B 119 18.57 6.94 -30.10
CA ASN B 119 19.45 8.07 -29.79
C ASN B 119 18.85 9.42 -30.18
N ASP B 120 17.77 9.42 -30.96
CA ASP B 120 17.23 10.67 -31.49
C ASP B 120 16.08 11.24 -30.67
N VAL B 121 15.69 10.62 -29.57
CA VAL B 121 14.42 10.97 -28.93
C VAL B 121 14.60 11.75 -27.63
N MET B 122 15.72 11.55 -26.93
CA MET B 122 15.89 12.21 -25.63
C MET B 122 15.88 13.73 -25.78
N ASN B 123 16.58 14.24 -26.80
CA ASN B 123 16.64 15.69 -26.98
C ASN B 123 15.26 16.27 -27.27
N LEU B 124 14.51 15.64 -28.17
CA LEU B 124 13.19 16.17 -28.51
C LEU B 124 12.21 16.06 -27.35
N LEU B 125 12.32 15.01 -26.54
CA LEU B 125 11.40 14.91 -25.40
C LEU B 125 11.78 15.89 -24.29
N GLU B 126 13.07 16.06 -24.02
CA GLU B 126 13.48 17.00 -22.98
C GLU B 126 13.15 18.43 -23.39
N SER B 127 13.33 18.77 -24.67
CA SER B 127 12.93 20.08 -25.14
C SER B 127 11.42 20.27 -25.09
N ALA B 128 10.66 19.19 -25.01
CA ALA B 128 9.21 19.24 -24.90
C ALA B 128 8.72 19.20 -23.46
N GLY B 129 9.64 19.23 -22.50
CA GLY B 129 9.27 19.17 -21.10
C GLY B 129 9.27 17.78 -20.49
N PHE B 130 9.47 16.74 -21.30
CA PHE B 130 9.50 15.38 -20.76
C PHE B 130 10.75 15.20 -19.91
N SER B 131 10.56 14.71 -18.68
CA SER B 131 11.66 14.49 -17.76
C SER B 131 11.97 13.00 -17.70
N ARG B 132 12.76 12.54 -18.67
CA ARG B 132 13.13 11.13 -18.73
C ARG B 132 14.17 10.75 -17.68
N SER B 133 14.81 11.73 -17.03
CA SER B 133 15.81 11.41 -16.02
C SER B 133 15.19 10.71 -14.82
N ASN B 134 14.03 11.18 -14.37
CA ASN B 134 13.38 10.70 -13.15
C ASN B 134 11.94 10.34 -13.45
N PRO B 135 11.33 9.47 -12.63
CA PRO B 135 9.92 9.12 -12.85
C PRO B 135 8.98 10.17 -12.27
N TYR B 136 9.27 11.44 -12.53
CA TYR B 136 8.38 12.51 -12.13
C TYR B 136 7.15 12.53 -13.03
N TYR B 137 6.03 12.99 -12.48
CA TYR B 137 4.76 13.23 -13.17
C TYR B 137 4.21 11.99 -13.86
N ILE B 138 4.80 10.82 -13.63
CA ILE B 138 4.36 9.58 -14.26
C ILE B 138 4.15 8.59 -13.12
N VAL B 139 3.74 9.11 -11.97
CA VAL B 139 3.68 8.38 -10.70
C VAL B 139 3.12 6.98 -10.89
N LYS B 140 3.84 5.99 -10.39
CA LYS B 140 3.48 4.59 -10.59
C LYS B 140 2.39 4.18 -9.59
N GLN B 141 2.12 2.88 -9.51
CA GLN B 141 1.06 2.36 -8.66
C GLN B 141 1.59 2.20 -7.24
N GLY B 142 1.02 2.95 -6.30
CA GLY B 142 1.40 2.88 -4.91
C GLY B 142 2.68 3.59 -4.54
N LYS B 143 3.30 4.31 -5.48
CA LYS B 143 4.54 5.01 -5.22
C LYS B 143 4.33 6.46 -4.78
N ILE B 144 3.10 6.97 -4.83
CA ILE B 144 2.83 8.35 -4.47
C ILE B 144 3.26 8.68 -3.05
N ASN B 145 3.47 7.68 -2.21
CA ASN B 145 3.84 7.91 -0.82
C ASN B 145 5.35 7.92 -0.58
N GLN B 146 6.18 7.72 -1.61
CA GLN B 146 7.61 7.79 -1.38
C GLN B 146 8.22 9.13 -1.76
N MET B 147 7.56 9.92 -2.61
CA MET B 147 8.10 11.22 -2.98
C MET B 147 8.16 12.16 -1.79
N ALA B 148 7.15 12.11 -0.92
CA ALA B 148 7.10 13.04 0.21
C ALA B 148 8.24 12.80 1.19
N THR B 149 8.51 11.54 1.52
CA THR B 149 9.55 11.21 2.49
C THR B 149 10.92 11.04 1.88
N ALA B 150 11.07 11.31 0.58
CA ALA B 150 12.37 11.23 -0.05
C ALA B 150 13.33 12.21 0.63
N PRO B 151 14.62 11.85 0.72
CA PRO B 151 15.57 12.75 1.37
C PRO B 151 15.71 14.05 0.60
N ASP B 152 16.18 15.08 1.31
CA ASP B 152 16.28 16.42 0.73
C ASP B 152 17.16 16.46 -0.50
N SER B 153 18.07 15.49 -0.66
CA SER B 153 18.92 15.47 -1.84
C SER B 153 18.11 15.28 -3.11
N GLN B 154 17.15 14.35 -3.09
CA GLN B 154 16.35 14.09 -4.28
C GLN B 154 15.46 15.28 -4.62
N ARG B 155 14.86 15.91 -3.61
CA ARG B 155 14.04 17.09 -3.87
C ARG B 155 14.88 18.26 -4.39
N LEU B 156 16.09 18.42 -3.84
CA LEU B 156 16.99 19.45 -4.34
C LEU B 156 17.35 19.20 -5.80
N LYS B 157 17.63 17.94 -6.15
CA LYS B 157 17.91 17.61 -7.55
C LYS B 157 16.70 17.88 -8.44
N LEU B 158 15.51 17.54 -7.95
CA LEU B 158 14.29 17.78 -8.72
C LEU B 158 14.10 19.26 -9.01
N LEU B 159 14.23 20.10 -7.98
CA LEU B 159 14.08 21.54 -8.19
C LEU B 159 15.22 22.12 -9.02
N ARG B 160 16.42 21.54 -8.91
CA ARG B 160 17.53 21.98 -9.75
C ARG B 160 17.24 21.71 -11.22
N GLU B 161 16.70 20.52 -11.52
CA GLU B 161 16.32 20.23 -12.89
C GLU B 161 15.18 21.13 -13.35
N VAL B 162 14.21 21.38 -12.47
CA VAL B 162 13.08 22.24 -12.81
C VAL B 162 13.47 23.71 -12.61
N ILE B 274 16.90 27.67 -12.58
CA ILE B 274 17.40 26.63 -11.68
C ILE B 274 17.60 27.21 -10.28
N GLN B 275 18.48 28.21 -10.18
CA GLN B 275 18.74 28.85 -8.90
C GLN B 275 17.68 29.88 -8.53
N LEU B 276 16.83 30.27 -9.46
CA LEU B 276 15.79 31.26 -9.20
C LEU B 276 14.38 30.73 -9.34
N THR B 277 14.17 29.58 -9.98
CA THR B 277 12.84 29.01 -10.11
C THR B 277 12.51 28.07 -8.95
N PHE B 278 12.77 28.55 -7.73
CA PHE B 278 12.39 27.84 -6.52
C PHE B 278 11.74 28.73 -5.48
N LYS B 279 12.05 30.02 -5.43
CA LYS B 279 11.42 30.91 -4.46
C LYS B 279 9.92 31.00 -4.70
N GLN B 280 9.53 31.19 -5.96
CA GLN B 280 8.11 31.21 -6.32
C GLN B 280 7.51 29.82 -6.35
N VAL B 281 8.34 28.77 -6.54
CA VAL B 281 7.85 27.40 -6.40
C VAL B 281 7.38 27.17 -4.97
N SER B 282 8.11 27.72 -4.00
CA SER B 282 7.68 27.60 -2.61
C SER B 282 6.32 28.25 -2.39
N LYS B 283 6.10 29.43 -2.98
CA LYS B 283 4.80 30.09 -2.86
C LYS B 283 3.71 29.29 -3.54
N ASN B 284 4.00 28.73 -4.72
CA ASN B 284 3.02 27.90 -5.41
C ASN B 284 2.67 26.66 -4.59
N PHE B 285 3.68 26.03 -3.99
CA PHE B 285 3.43 24.88 -3.11
C PHE B 285 2.56 25.29 -1.94
N SER B 286 2.85 26.44 -1.33
CA SER B 286 2.02 26.92 -0.24
C SER B 286 0.57 27.08 -0.68
N GLU B 287 0.36 27.76 -1.81
CA GLU B 287 -1.01 28.02 -2.24
C GLU B 287 -1.74 26.74 -2.61
N VAL B 288 -1.07 25.81 -3.30
CA VAL B 288 -1.74 24.58 -3.69
C VAL B 288 -1.99 23.69 -2.48
N PHE B 289 -1.12 23.75 -1.47
CA PHE B 289 -1.32 22.89 -0.31
C PHE B 289 -2.45 23.42 0.56
N GLN B 290 -2.52 24.75 0.74
CA GLN B 290 -3.70 25.31 1.39
C GLN B 290 -4.97 25.10 0.58
N LYS B 291 -4.86 24.98 -0.75
CA LYS B 291 -6.02 24.62 -1.54
C LYS B 291 -6.47 23.20 -1.24
N LEU B 292 -5.53 22.26 -1.21
CA LEU B 292 -5.84 20.87 -0.90
C LEU B 292 -6.36 20.72 0.52
N VAL B 293 -5.61 21.23 1.49
CA VAL B 293 -5.94 21.13 2.90
C VAL B 293 -6.29 22.53 3.39
N PRO B 294 -7.54 22.80 3.78
CA PRO B 294 -7.89 24.15 4.26
C PRO B 294 -7.09 24.59 5.48
N GLY B 295 -6.72 23.66 6.36
CA GLY B 295 -6.02 24.02 7.57
C GLY B 295 -4.52 23.85 7.53
N GLY B 296 -4.01 23.22 6.47
CA GLY B 296 -2.59 23.00 6.36
C GLY B 296 -1.81 24.28 6.14
N LYS B 297 -0.56 24.28 6.61
CA LYS B 297 0.32 25.43 6.45
C LYS B 297 1.73 24.98 6.11
N ALA B 298 1.85 23.98 5.25
CA ALA B 298 3.17 23.50 4.86
C ALA B 298 3.91 24.55 4.04
N THR B 299 5.23 24.50 4.08
CA THR B 299 6.05 25.46 3.38
C THR B 299 7.42 24.86 3.10
N LEU B 300 7.95 25.11 1.90
CA LEU B 300 9.32 24.73 1.62
C LEU B 300 10.29 25.61 2.39
N VAL B 301 11.40 25.02 2.83
CA VAL B 301 12.47 25.75 3.49
C VAL B 301 13.79 25.37 2.84
N MET B 302 14.60 26.39 2.55
CA MET B 302 15.89 26.22 1.90
C MET B 302 16.97 26.36 2.96
N LYS B 303 17.76 25.30 3.13
CA LYS B 303 18.82 25.29 4.14
C LYS B 303 19.93 26.25 3.73
N THR B 339 22.27 22.83 0.07
CA THR B 339 22.60 21.46 0.44
C THR B 339 21.36 20.57 0.39
N GLY B 340 20.25 21.09 0.92
CA GLY B 340 19.00 20.35 0.92
C GLY B 340 17.83 21.27 1.19
N VAL B 341 16.65 20.77 0.86
CA VAL B 341 15.40 21.51 1.04
C VAL B 341 14.48 20.69 1.93
N GLY B 342 13.95 21.33 2.98
CA GLY B 342 13.01 20.69 3.87
C GLY B 342 11.59 21.12 3.54
N ILE B 343 10.62 20.35 4.04
CA ILE B 343 9.21 20.58 3.74
C ILE B 343 8.48 20.61 5.07
N ARG B 344 8.25 21.82 5.60
CA ARG B 344 7.66 21.99 6.92
C ARG B 344 6.16 21.78 6.75
N VAL B 345 5.71 20.55 6.98
CA VAL B 345 4.33 20.17 6.76
C VAL B 345 3.50 20.46 8.00
N SER B 346 2.23 20.77 7.80
CA SER B 346 1.29 20.96 8.90
C SER B 346 -0.11 20.71 8.38
N PHE B 347 -1.04 20.41 9.30
CA PHE B 347 -2.43 20.29 8.94
C PHE B 347 -3.28 20.33 10.21
N THR B 348 -4.34 21.14 10.18
CA THR B 348 -5.36 21.30 11.21
C THR B 348 -4.86 21.94 12.50
N GLY B 349 -3.57 22.23 12.62
CA GLY B 349 -3.07 22.90 13.81
C GLY B 349 -2.94 24.40 13.64
N LYS B 350 -2.27 24.82 12.57
CA LYS B 350 -2.16 26.20 12.10
C LYS B 350 -1.35 27.10 13.03
N GLN B 351 -0.83 26.58 14.15
CA GLN B 351 -0.14 27.42 15.12
C GLN B 351 1.35 27.11 15.23
N GLY B 352 1.70 25.87 15.55
CA GLY B 352 3.11 25.54 15.77
C GLY B 352 3.47 24.11 15.43
N GLU B 353 2.65 23.44 14.63
CA GLU B 353 2.79 22.02 14.35
C GLU B 353 3.74 21.72 13.20
N MET B 354 4.61 22.68 12.84
CA MET B 354 5.59 22.43 11.80
C MET B 354 6.50 21.27 12.19
N ARG B 355 6.72 20.35 11.25
CA ARG B 355 7.43 19.11 11.55
C ARG B 355 8.28 18.71 10.34
N GLU B 356 8.77 17.48 10.36
CA GLU B 356 9.61 16.94 9.29
C GLU B 356 8.86 15.85 8.55
N MET B 357 9.23 15.67 7.27
CA MET B 357 8.39 14.93 6.34
C MET B 357 8.26 13.46 6.71
N GLN B 358 9.30 12.85 7.28
CA GLN B 358 9.28 11.41 7.52
C GLN B 358 8.20 11.03 8.54
N GLN B 359 7.99 11.86 9.54
CA GLN B 359 7.07 11.53 10.62
C GLN B 359 5.61 11.66 10.22
N LEU B 360 5.31 12.19 9.04
CA LEU B 360 3.93 12.36 8.64
C LEU B 360 3.24 11.01 8.45
N SER B 361 1.91 11.04 8.46
CA SER B 361 1.10 9.85 8.27
C SER B 361 1.27 9.31 6.85
N GLY B 362 0.83 8.07 6.66
CA GLY B 362 0.93 7.44 5.35
C GLY B 362 -0.02 7.98 4.31
N GLY B 363 -0.99 8.80 4.72
CA GLY B 363 -1.89 9.42 3.77
C GLY B 363 -1.50 10.85 3.47
N GLN B 364 -1.01 11.55 4.49
CA GLN B 364 -0.50 12.90 4.28
C GLN B 364 0.66 12.91 3.30
N LYS B 365 1.39 11.79 3.20
CA LYS B 365 2.52 11.73 2.27
C LYS B 365 2.06 11.84 0.83
N SER B 366 0.96 11.16 0.48
CA SER B 366 0.42 11.29 -0.87
C SER B 366 0.00 12.72 -1.16
N LEU B 367 -0.66 13.36 -0.19
CA LEU B 367 -1.07 14.75 -0.37
C LEU B 367 0.13 15.65 -0.60
N VAL B 368 1.18 15.47 0.19
CA VAL B 368 2.38 16.29 0.03
C VAL B 368 3.03 16.04 -1.33
N ALA B 369 3.14 14.79 -1.74
CA ALA B 369 3.81 14.48 -3.00
C ALA B 369 3.06 15.06 -4.19
N LEU B 370 1.75 14.84 -4.24
CA LEU B 370 0.99 15.41 -5.34
C LEU B 370 0.90 16.93 -5.25
N ALA B 371 1.00 17.49 -4.03
CA ALA B 371 1.05 18.94 -3.90
C ALA B 371 2.33 19.52 -4.48
N LEU B 372 3.47 18.87 -4.23
CA LEU B 372 4.70 19.29 -4.89
C LEU B 372 4.62 19.14 -6.40
N ILE B 373 4.04 18.03 -6.88
CA ILE B 373 3.90 17.86 -8.33
C ILE B 373 3.06 18.99 -8.92
N PHE B 374 1.94 19.31 -8.27
CA PHE B 374 1.06 20.37 -8.77
C PHE B 374 1.72 21.74 -8.65
N ALA B 375 2.55 21.94 -7.63
CA ALA B 375 3.29 23.20 -7.52
C ALA B 375 4.28 23.35 -8.67
N ILE B 376 4.99 22.28 -9.00
CA ILE B 376 5.91 22.33 -10.13
C ILE B 376 5.13 22.59 -11.41
N GLN B 377 3.94 21.99 -11.53
CA GLN B 377 3.09 22.25 -12.69
C GLN B 377 2.73 23.73 -12.78
N LYS B 378 2.27 24.31 -11.68
CA LYS B 378 1.81 25.69 -11.70
C LYS B 378 2.95 26.65 -11.99
N CYS B 379 4.15 26.36 -11.46
CA CYS B 379 5.28 27.24 -11.75
C CYS B 379 5.75 27.08 -13.19
N ASP B 380 5.87 25.85 -13.67
CA ASP B 380 6.34 25.59 -15.02
C ASP B 380 5.53 24.45 -15.63
N PRO B 381 4.88 24.66 -16.78
CA PRO B 381 4.03 23.63 -17.35
C PRO B 381 4.81 22.36 -17.70
N ALA B 382 4.13 21.23 -17.58
CA ALA B 382 4.65 19.91 -17.89
C ALA B 382 3.75 19.25 -18.93
N PRO B 383 4.27 18.29 -19.70
CA PRO B 383 3.48 17.73 -20.81
C PRO B 383 2.14 17.18 -20.38
N PHE B 384 2.14 16.19 -19.48
CA PHE B 384 0.91 15.60 -18.98
C PHE B 384 1.24 14.85 -17.70
N TYR B 385 0.28 14.07 -17.20
CA TYR B 385 0.43 13.41 -15.92
C TYR B 385 -0.30 12.07 -15.96
N LEU B 386 0.41 11.01 -15.57
CA LEU B 386 -0.16 9.68 -15.47
C LEU B 386 -0.33 9.36 -13.99
N PHE B 387 -1.59 9.26 -13.55
CA PHE B 387 -1.90 9.06 -12.14
C PHE B 387 -2.55 7.69 -11.99
N ASP B 388 -1.74 6.65 -11.81
CA ASP B 388 -2.25 5.29 -11.66
C ASP B 388 -2.58 5.07 -10.19
N GLN B 389 -3.87 5.04 -9.89
CA GLN B 389 -4.36 4.88 -8.52
C GLN B 389 -3.68 5.89 -7.59
N ILE B 390 -3.76 7.16 -7.98
CA ILE B 390 -3.13 8.23 -7.23
C ILE B 390 -3.75 8.37 -5.84
N ASP B 391 -5.00 7.95 -5.69
CA ASP B 391 -5.72 8.13 -4.44
C ASP B 391 -6.22 6.79 -3.91
N GLN B 392 -5.41 5.74 -4.03
CA GLN B 392 -5.77 4.47 -3.43
C GLN B 392 -5.50 4.45 -1.93
N ALA B 393 -4.69 5.38 -1.43
CA ALA B 393 -4.32 5.42 -0.02
C ALA B 393 -5.02 6.50 0.77
N LEU B 394 -5.42 7.59 0.12
CA LEU B 394 -6.01 8.72 0.82
C LEU B 394 -7.53 8.63 0.83
N ASP B 395 -8.14 9.33 1.79
CA ASP B 395 -9.56 9.21 2.04
C ASP B 395 -10.38 9.86 0.92
N ALA B 396 -11.68 9.57 0.93
CA ALA B 396 -12.59 10.20 -0.02
C ALA B 396 -12.66 11.71 0.17
N GLN B 397 -12.44 12.18 1.40
CA GLN B 397 -12.51 13.61 1.66
C GLN B 397 -11.46 14.37 0.86
N HIS B 398 -10.22 13.86 0.82
CA HIS B 398 -9.22 14.45 -0.05
C HIS B 398 -9.45 14.08 -1.50
N ARG B 399 -10.08 12.94 -1.76
CA ARG B 399 -10.37 12.53 -3.13
C ARG B 399 -11.26 13.55 -3.82
N LYS B 400 -12.30 14.03 -3.13
CA LYS B 400 -13.07 15.15 -3.65
C LYS B 400 -12.23 16.42 -3.70
N ALA B 401 -11.36 16.61 -2.72
CA ALA B 401 -10.52 17.81 -2.68
C ALA B 401 -9.38 17.78 -3.68
N VAL B 402 -9.08 16.63 -4.27
CA VAL B 402 -8.06 16.56 -5.30
C VAL B 402 -8.73 16.49 -6.66
N SER B 403 -9.97 15.99 -6.69
CA SER B 403 -10.69 15.90 -7.96
C SER B 403 -11.16 17.27 -8.43
N ASP B 404 -11.75 18.05 -7.52
CA ASP B 404 -12.22 19.38 -7.91
C ASP B 404 -11.06 20.28 -8.32
N MET B 405 -9.95 20.22 -7.59
CA MET B 405 -8.83 21.08 -7.89
C MET B 405 -8.02 20.58 -9.09
N ILE B 406 -8.05 19.27 -9.36
CA ILE B 406 -7.49 18.81 -10.63
C ILE B 406 -8.38 19.22 -11.78
N MET B 407 -9.69 19.30 -11.57
CA MET B 407 -10.57 19.92 -12.56
C MET B 407 -10.18 21.37 -12.79
N GLU B 408 -9.90 22.10 -11.72
CA GLU B 408 -9.42 23.47 -11.84
C GLU B 408 -8.01 23.53 -12.43
N LEU B 409 -7.29 22.40 -12.49
CA LEU B 409 -5.96 22.36 -13.06
C LEU B 409 -5.89 21.60 -14.38
N ALA B 410 -6.96 20.90 -14.76
CA ALA B 410 -6.94 20.12 -16.00
C ALA B 410 -6.99 20.99 -17.25
N VAL B 411 -7.33 22.27 -17.13
CA VAL B 411 -7.49 23.11 -18.31
C VAL B 411 -6.16 23.34 -18.99
N HIS B 412 -5.08 23.53 -18.23
CA HIS B 412 -3.79 23.84 -18.81
C HIS B 412 -3.13 22.62 -19.44
N ALA B 413 -3.18 21.48 -18.77
CA ALA B 413 -2.50 20.28 -19.24
C ALA B 413 -3.35 19.05 -18.96
N GLN B 414 -3.01 17.96 -19.64
CA GLN B 414 -3.79 16.73 -19.57
C GLN B 414 -3.33 15.87 -18.40
N PHE B 415 -4.30 15.24 -17.73
CA PHE B 415 -4.06 14.41 -16.56
C PHE B 415 -4.72 13.06 -16.79
N ILE B 416 -4.03 12.14 -17.44
CA ILE B 416 -4.55 10.78 -17.60
C ILE B 416 -4.37 10.04 -16.28
N THR B 417 -5.46 9.50 -15.75
CA THR B 417 -5.45 8.90 -14.43
C THR B 417 -6.10 7.52 -14.46
N THR B 418 -6.15 6.88 -13.30
CA THR B 418 -6.80 5.58 -13.15
C THR B 418 -7.21 5.42 -11.69
N THR B 419 -8.47 5.10 -11.47
CA THR B 419 -9.00 5.00 -10.11
C THR B 419 -10.13 3.99 -10.09
N PHE B 420 -10.27 3.30 -8.95
CA PHE B 420 -11.41 2.44 -8.69
C PHE B 420 -12.46 3.10 -7.82
N ARG B 421 -12.20 4.30 -7.33
CA ARG B 421 -13.15 5.03 -6.51
C ARG B 421 -13.88 6.04 -7.37
N PRO B 422 -15.21 6.16 -7.23
CA PRO B 422 -15.96 7.10 -8.07
C PRO B 422 -15.60 8.56 -7.82
N GLU B 423 -14.85 8.85 -6.75
CA GLU B 423 -14.60 10.23 -6.37
C GLU B 423 -13.79 10.97 -7.43
N LEU B 424 -12.76 10.31 -7.98
CA LEU B 424 -11.86 10.98 -8.91
C LEU B 424 -12.39 11.04 -10.33
N LEU B 425 -13.35 10.20 -10.70
CA LEU B 425 -13.80 10.14 -12.08
C LEU B 425 -14.87 11.18 -12.41
N GLU B 426 -15.30 11.99 -11.43
CA GLU B 426 -16.22 13.06 -11.75
C GLU B 426 -15.54 14.23 -12.45
N SER B 427 -14.21 14.23 -12.50
CA SER B 427 -13.43 15.35 -13.04
C SER B 427 -12.79 15.02 -14.37
N ALA B 428 -13.51 14.33 -15.26
CA ALA B 428 -13.00 13.99 -16.58
C ALA B 428 -14.14 14.12 -17.58
N ASP B 429 -13.79 13.97 -18.85
CA ASP B 429 -14.75 14.06 -19.95
C ASP B 429 -14.91 12.76 -20.71
N LYS B 430 -13.82 12.11 -21.08
CA LYS B 430 -13.85 10.86 -21.81
C LYS B 430 -13.26 9.78 -20.91
N PHE B 431 -14.11 8.86 -20.46
CA PHE B 431 -13.69 7.81 -19.54
C PHE B 431 -13.14 6.65 -20.35
N TYR B 432 -12.92 5.52 -19.69
CA TYR B 432 -12.43 4.32 -20.36
C TYR B 432 -12.86 3.10 -19.57
N GLY B 433 -12.75 1.94 -20.21
CA GLY B 433 -13.02 0.68 -19.55
C GLY B 433 -12.19 -0.43 -20.15
N VAL B 434 -11.45 -1.15 -19.30
CA VAL B 434 -10.55 -2.19 -19.74
C VAL B 434 -11.09 -3.53 -19.25
N LYS B 435 -11.33 -4.45 -20.16
CA LYS B 435 -11.88 -5.76 -19.84
C LYS B 435 -10.83 -6.83 -20.07
N PHE B 436 -11.06 -8.01 -19.50
CA PHE B 436 -10.17 -9.16 -19.64
C PHE B 436 -11.04 -10.39 -19.92
N ARG B 437 -11.06 -10.82 -21.18
CA ARG B 437 -11.80 -12.00 -21.59
C ARG B 437 -10.94 -12.84 -22.52
N ASN B 438 -11.14 -14.16 -22.45
CA ASN B 438 -10.44 -15.16 -23.28
C ASN B 438 -8.97 -14.80 -23.49
N LYS B 439 -8.29 -14.55 -22.38
CA LYS B 439 -6.84 -14.26 -22.30
C LYS B 439 -6.39 -13.19 -23.30
N VAL B 440 -7.32 -12.35 -23.77
CA VAL B 440 -7.01 -11.23 -24.64
C VAL B 440 -7.82 -10.04 -24.15
N SER B 441 -7.16 -9.08 -23.51
CA SER B 441 -7.85 -7.92 -22.97
C SER B 441 -8.35 -7.02 -24.09
N HIS B 442 -9.19 -6.06 -23.73
CA HIS B 442 -9.76 -5.14 -24.70
C HIS B 442 -9.94 -3.77 -24.05
N ILE B 443 -9.97 -2.75 -24.90
CA ILE B 443 -10.17 -1.37 -24.46
C ILE B 443 -11.39 -0.82 -25.18
N ASP B 444 -12.30 -0.22 -24.41
CA ASP B 444 -13.51 0.36 -25.00
C ASP B 444 -13.95 1.53 -24.14
N VAL B 445 -14.28 2.65 -24.80
CA VAL B 445 -14.77 3.82 -24.10
C VAL B 445 -16.16 3.54 -23.55
N ILE B 446 -16.42 4.03 -22.34
CA ILE B 446 -17.70 3.81 -21.67
C ILE B 446 -18.24 5.14 -21.19
N THR B 447 -19.56 5.29 -21.24
CA THR B 447 -20.20 6.53 -20.84
C THR B 447 -20.11 6.71 -19.33
N ALA B 448 -20.31 7.94 -18.87
CA ALA B 448 -20.10 8.29 -17.47
C ALA B 448 -20.93 7.39 -16.53
N GLU B 449 -22.21 7.19 -16.86
CA GLU B 449 -23.04 6.36 -15.99
C GLU B 449 -22.56 4.92 -15.96
N MET B 450 -21.95 4.45 -17.05
CA MET B 450 -21.41 3.09 -17.05
C MET B 450 -20.29 2.94 -16.02
N ALA B 451 -19.34 3.89 -16.01
CA ALA B 451 -18.26 3.85 -15.04
C ALA B 451 -18.79 4.05 -13.62
N LYS B 452 -19.76 4.94 -13.44
CA LYS B 452 -20.33 5.17 -12.12
C LYS B 452 -20.99 3.89 -11.58
N ASP B 453 -21.73 3.19 -12.43
CA ASP B 453 -22.30 1.91 -12.03
C ASP B 453 -21.22 0.87 -11.78
N PHE B 454 -20.14 0.90 -12.57
CA PHE B 454 -19.08 -0.10 -12.41
C PHE B 454 -18.35 0.04 -11.08
N VAL B 455 -18.06 1.26 -10.64
CA VAL B 455 -17.28 1.47 -9.44
C VAL B 455 -18.10 1.86 -8.24
N GLU B 456 -19.42 2.05 -8.38
CA GLU B 456 -20.24 2.45 -7.24
C GLU B 456 -20.53 1.28 -6.30
N ASP B 457 -20.67 0.07 -6.84
CA ASP B 457 -20.98 -1.10 -6.02
C ASP B 457 -20.29 -2.32 -6.62
N ASP B 458 -20.31 -3.40 -5.86
CA ASP B 458 -19.69 -4.64 -6.31
C ASP B 458 -20.41 -5.18 -7.55
N THR B 459 -19.63 -5.64 -8.52
CA THR B 459 -20.14 -6.16 -9.79
C THR B 459 -19.94 -7.66 -9.86
N THR B 460 -20.14 -8.35 -8.73
CA THR B 460 -19.99 -9.79 -8.66
C THR B 460 -21.36 -10.48 -8.65
N SER C 22 -26.27 16.69 20.06
CA SER C 22 -27.68 16.86 20.38
C SER C 22 -28.54 15.90 19.57
N ILE C 23 -27.94 15.29 18.55
CA ILE C 23 -28.63 14.36 17.66
C ILE C 23 -27.97 13.00 17.81
N SER C 24 -28.75 12.00 18.20
CA SER C 24 -28.26 10.65 18.41
C SER C 24 -28.05 9.94 17.07
N LEU C 25 -27.62 8.69 17.12
CA LEU C 25 -27.23 7.96 15.92
C LEU C 25 -28.11 6.74 15.67
N LEU C 26 -28.26 5.84 16.65
CA LEU C 26 -28.93 4.57 16.41
C LEU C 26 -30.41 4.74 16.07
N GLU C 27 -31.07 5.74 16.65
CA GLU C 27 -32.50 5.90 16.42
C GLU C 27 -32.79 6.33 14.98
N LEU C 28 -31.85 6.98 14.31
CA LEU C 28 -31.94 7.22 12.88
C LEU C 28 -31.31 6.11 12.06
N CYS C 29 -30.69 5.13 12.70
CA CYS C 29 -30.08 3.99 12.03
C CYS C 29 -30.86 2.70 12.31
N ARG C 30 -32.15 2.83 12.62
CA ARG C 30 -32.94 1.66 12.97
C ARG C 30 -33.20 0.77 11.75
N ASN C 31 -33.85 1.33 10.73
CA ASN C 31 -34.22 0.57 9.54
C ASN C 31 -33.18 0.82 8.46
N THR C 32 -32.02 0.18 8.61
CA THR C 32 -30.96 0.25 7.62
C THR C 32 -30.16 -1.04 7.66
N ASN C 33 -29.52 -1.34 6.54
CA ASN C 33 -28.71 -2.55 6.43
C ASN C 33 -27.28 -2.25 6.90
N ARG C 34 -26.43 -3.29 6.86
CA ARG C 34 -25.05 -3.13 7.30
C ARG C 34 -24.31 -2.12 6.43
N LYS C 35 -24.51 -2.19 5.11
CA LYS C 35 -23.74 -1.37 4.18
C LYS C 35 -23.99 0.12 4.42
N GLN C 36 -25.25 0.53 4.43
CA GLN C 36 -25.58 1.93 4.60
C GLN C 36 -25.24 2.42 6.01
N ALA C 37 -25.46 1.58 7.01
CA ALA C 37 -25.12 1.96 8.38
C ALA C 37 -23.62 2.21 8.53
N ALA C 38 -22.81 1.32 7.96
CA ALA C 38 -21.36 1.52 7.99
C ALA C 38 -20.97 2.77 7.22
N ALA C 39 -21.61 3.02 6.07
CA ALA C 39 -21.30 4.20 5.29
C ALA C 39 -21.59 5.48 6.06
N LYS C 40 -22.77 5.55 6.69
CA LYS C 40 -23.11 6.77 7.41
C LYS C 40 -22.31 6.92 8.71
N PHE C 41 -21.93 5.81 9.35
CA PHE C 41 -21.04 5.91 10.49
C PHE C 41 -19.67 6.43 10.07
N TYR C 42 -19.17 5.96 8.93
CA TYR C 42 -17.90 6.47 8.41
C TYR C 42 -18.00 7.95 8.07
N SER C 43 -19.12 8.37 7.49
CA SER C 43 -19.32 9.79 7.20
C SER C 43 -19.35 10.61 8.48
N PHE C 44 -20.03 10.10 9.51
CA PHE C 44 -20.09 10.80 10.79
C PHE C 44 -18.70 10.92 11.40
N LEU C 45 -17.88 9.88 11.26
CA LEU C 45 -16.53 9.93 11.82
C LEU C 45 -15.60 10.83 11.02
N VAL C 46 -15.80 10.93 9.70
CA VAL C 46 -14.88 11.72 8.89
C VAL C 46 -15.25 13.19 8.90
N LEU C 47 -16.54 13.53 9.12
CA LEU C 47 -16.91 14.94 9.14
C LEU C 47 -16.30 15.69 10.31
N LYS C 48 -15.87 15.00 11.37
CA LYS C 48 -15.24 15.67 12.49
C LYS C 48 -13.82 16.13 12.18
N LYS C 49 -13.17 15.53 11.20
CA LYS C 49 -11.79 15.92 10.87
C LYS C 49 -11.70 17.41 10.54
N GLN C 50 -12.75 17.99 9.95
CA GLN C 50 -12.83 19.41 9.71
C GLN C 50 -13.52 20.16 10.84
N GLN C 51 -13.48 19.62 12.06
CA GLN C 51 -14.04 20.21 13.28
C GLN C 51 -15.48 20.71 13.09
N ALA C 52 -16.20 20.15 12.11
CA ALA C 52 -17.57 20.57 11.87
C ALA C 52 -18.48 20.17 13.03
N ILE C 53 -18.42 18.90 13.43
CA ILE C 53 -19.20 18.38 14.55
C ILE C 53 -18.26 17.61 15.46
N GLU C 54 -18.30 17.93 16.76
CA GLU C 54 -17.46 17.26 17.74
C GLU C 54 -18.28 16.22 18.50
N LEU C 55 -17.63 15.11 18.83
CA LEU C 55 -18.28 13.98 19.48
C LEU C 55 -17.50 13.55 20.72
N THR C 56 -18.24 13.11 21.74
CA THR C 56 -17.65 12.65 22.99
C THR C 56 -18.23 11.29 23.35
N GLN C 57 -17.35 10.35 23.69
CA GLN C 57 -17.75 9.00 24.08
C GLN C 57 -17.19 8.68 25.46
N GLU C 58 -17.96 7.90 26.22
CA GLU C 58 -17.54 7.46 27.54
C GLU C 58 -17.57 5.94 27.71
N GLU C 59 -18.55 5.26 27.14
CA GLU C 59 -18.64 3.81 27.19
C GLU C 59 -18.27 3.25 25.82
N PRO C 60 -17.44 2.19 25.75
CA PRO C 60 -16.87 1.80 24.45
C PRO C 60 -17.90 1.50 23.37
N TYR C 61 -19.02 0.86 23.70
CA TYR C 61 -20.04 0.55 22.70
C TYR C 61 -21.33 1.26 23.10
N SER C 62 -21.46 2.52 22.69
CA SER C 62 -22.61 3.33 23.04
C SER C 62 -22.79 4.43 22.01
N ASP C 63 -23.99 5.01 22.00
CA ASP C 63 -24.29 6.09 21.06
C ASP C 63 -23.66 7.40 21.52
N ILE C 64 -23.42 8.29 20.56
CA ILE C 64 -22.89 9.62 20.82
C ILE C 64 -23.77 10.63 20.11
N ILE C 65 -24.21 11.66 20.84
CA ILE C 65 -25.00 12.72 20.22
C ILE C 65 -24.10 13.60 19.35
N ALA C 66 -24.71 14.23 18.36
CA ALA C 66 -23.99 15.06 17.39
C ALA C 66 -24.11 16.52 17.81
N THR C 67 -23.01 17.07 18.34
CA THR C 67 -22.94 18.48 18.71
C THR C 67 -22.02 19.21 17.74
N PRO C 68 -22.53 20.11 16.92
CA PRO C 68 -21.65 20.79 15.94
C PRO C 68 -20.56 21.59 16.62
N GLY C 69 -19.38 21.59 16.01
CA GLY C 69 -18.25 22.32 16.51
C GLY C 69 -18.18 23.73 15.94
N PRO C 70 -17.12 24.48 16.29
CA PRO C 70 -16.91 25.85 15.82
C PRO C 70 -16.77 25.92 14.30
PG ATP D . -3.66 6.73 6.61
O1G ATP D . -4.13 5.33 6.75
O2G ATP D . -2.41 6.87 5.75
O3G ATP D . -4.73 7.70 6.12
PB ATP D . -2.93 6.81 9.50
O1B ATP D . -2.92 5.34 9.57
O2B ATP D . -3.90 7.54 10.42
O3B ATP D . -3.23 7.32 8.03
PA ATP D . -0.50 7.52 11.00
O1A ATP D . 0.91 7.41 10.58
O2A ATP D . -0.96 6.49 12.03
O3A ATP D . -1.49 7.42 9.77
O5' ATP D . -0.82 8.96 11.57
C5' ATP D . 0.23 9.79 12.10
C4' ATP D . -0.33 11.17 12.38
O4' ATP D . -0.13 11.50 13.77
C3' ATP D . 0.29 12.30 11.55
O3' ATP D . -0.58 12.70 10.51
C2' ATP D . 0.52 13.41 12.57
O2' ATP D . -0.60 14.29 12.65
C1' ATP D . 0.69 12.64 13.88
N9 ATP D . 2.05 12.22 14.18
C8 ATP D . 2.98 11.69 13.32
N7 ATP D . 4.13 11.40 13.87
C5 ATP D . 3.95 11.76 15.19
C6 ATP D . 4.80 11.70 16.32
N6 ATP D . 6.06 11.25 16.27
N1 ATP D . 4.31 12.14 17.49
C2 ATP D . 3.06 12.60 17.54
N3 ATP D . 2.17 12.71 16.55
C4 ATP D . 2.67 12.26 15.39
MG MG E . -2.20 5.30 7.67
PG ATP F . -5.30 -4.12 -11.02
O1G ATP F . -5.60 -2.93 -10.16
O2G ATP F . -5.76 -5.44 -10.42
O3G ATP F . -5.82 -3.99 -12.45
PB ATP F . -2.59 -3.83 -12.14
O1B ATP F . -1.31 -3.65 -11.43
O2B ATP F . -3.11 -2.59 -12.87
O3B ATP F . -3.74 -4.29 -11.18
PA ATP F . -2.12 -5.22 -14.68
O1A ATP F . -0.68 -4.95 -14.86
O2A ATP F . -3.03 -4.33 -15.52
O3A ATP F . -2.56 -5.02 -13.18
O5' ATP F . -2.47 -6.73 -15.00
C5' ATP F . -3.20 -7.09 -16.18
C4' ATP F . -2.96 -8.54 -16.53
O4' ATP F . -1.72 -8.67 -17.27
C3' ATP F . -2.88 -9.50 -15.34
O3' ATP F . -3.70 -10.64 -15.55
C2' ATP F . -1.39 -9.87 -15.31
O2' ATP F . -1.20 -11.19 -14.81
C1' ATP F . -1.04 -9.81 -16.79
N9 ATP F . 0.38 -9.65 -17.06
C8 ATP F . 1.32 -9.12 -16.23
N7 ATP F . 2.54 -9.10 -16.73
C5 ATP F . 2.37 -9.68 -17.99
C6 ATP F . 3.29 -9.96 -19.02
N6 ATP F . 4.59 -9.69 -18.97
N1 ATP F . 2.79 -10.53 -20.15
C2 ATP F . 1.48 -10.81 -20.21
N3 ATP F . 0.55 -10.59 -19.30
C4 ATP F . 1.05 -10.03 -18.20
MG MG G . -3.86 -2.22 -10.92
#